data_8GVG
#
_entry.id   8GVG
#
_cell.length_a   71.035
_cell.length_b   71.035
_cell.length_c   383.869
_cell.angle_alpha   90.000
_cell.angle_beta   90.000
_cell.angle_gamma   120.000
#
_symmetry.space_group_name_H-M   'P 32 2 1'
#
loop_
_entity.id
_entity.type
_entity.pdbx_description
1 polymer 'TD08 TCR alpha chain'
2 polymer 'TD08 TCR beta chain'
3 polymer 'MHC class I antigen'
4 polymer Beta-2-microglobulin
5 polymer 'mutated 8-mer peptide from Protein Nef'
#
loop_
_entity_poly.entity_id
_entity_poly.type
_entity_poly.pdbx_seq_one_letter_code
_entity_poly.pdbx_strand_id
1 'polypeptide(L)'
;MAQSVTQPDIHITVSEGASLELRCNYSYGATPYLFWYVQSPGQGLQLLLKYFSGDTLVQGIKGFEAEFKRSQSSFNLRKP
SVHWSDAAEYFCAVGFTGGGNKLTFGTGTQLKVELNIQNPDPAVYQLRDSKSSDKSVCLFTDFDSQTNVSQSKDSDVYIT
DKCVLDMRSMDFKSNSAVAWSNKSDFACANAFNNSIIPEDTFFPSPESS
;
A
2 'polypeptide(L)'
;MDTGVSQDPRHKITKRGQNVTFRCDPISEHNRLYWYRQTLGQGPEFLTYFQNEAQLEKSRLLSDRFSAERPKGSFSTLEI
QRTEQGDSAMYLCASSDRDRVPETQYFGPGTRLLVLEDLKNVFPPEVAVFEPSEAEISHTQKATLVCLATGFYPDHVELS
WWVNGKEVHSGVCTDPQPLKEQPALNDSRYALSSRLRVSATFWQNPRNHFRCQVQFYGLSENDEWTQDRAKPVTQIVSAE
AWGRAD
;
B
3 'polypeptide(L)'
;MGSHSMRYFSTSVSRPGRGEPRFIAVGYVDDTQFVRFDSDAASQRMEPRAPWIEQEGPEYWDEETGKVKAHSQTDRENLR
IALRYYNQSEAGSHTLQMMFGCDVGSDGRFLRGYHQYAYDGKDYIALKEDLRSWTAADMAAQITKRKWEAAHVAEQQRAY
LEGTCVDGLRRYLENGKETLQRTDPPKTHMTHHPISDHEATLRCWALGFYPAEITLTWQRDGEDQTQDTELVETRPAGDG
TFQKWAAVVVPSGEEQRYTCHVQHEGLPKPLTLRW
;
H
4 'polypeptide(L)'
;MIQRTPKIQVYSRHPAENGKSNFLNCYVSGFHPSDIEVDLLKNGERIEKVEHSDLSFSKDWSFYLLYYTEFTPTEKDEYA
CRVNHVTLSQPKIVKWDRDM
;
L
5 'polypeptide(L)' RFPLTFGW P
#
# COMPACT_ATOMS: atom_id res chain seq x y z
N GLN A 3 -11.39 8.52 4.99
CA GLN A 3 -10.70 7.31 4.56
C GLN A 3 -11.70 6.24 4.12
N SER A 4 -12.44 6.53 3.05
CA SER A 4 -13.44 5.60 2.56
C SER A 4 -13.54 5.72 1.04
N VAL A 5 -13.98 4.63 0.42
CA VAL A 5 -14.24 4.58 -1.02
C VAL A 5 -15.69 4.15 -1.23
N THR A 6 -16.43 4.93 -2.01
CA THR A 6 -17.85 4.71 -2.22
C THR A 6 -18.09 4.34 -3.68
N GLN A 7 -18.75 3.21 -3.90
CA GLN A 7 -19.17 2.78 -5.24
C GLN A 7 -20.68 2.64 -5.24
N PRO A 8 -21.42 3.66 -5.67
CA PRO A 8 -22.88 3.58 -5.55
C PRO A 8 -23.51 2.50 -6.42
N ASP A 9 -23.15 2.43 -7.69
CA ASP A 9 -23.73 1.44 -8.60
C ASP A 9 -23.27 0.05 -8.19
N ILE A 10 -24.17 -0.72 -7.59
CA ILE A 10 -23.83 -2.05 -7.10
C ILE A 10 -24.34 -3.17 -8.02
N HIS A 11 -25.27 -2.88 -8.91
CA HIS A 11 -25.78 -3.87 -9.85
C HIS A 11 -26.40 -3.14 -11.02
N ILE A 12 -25.92 -3.46 -12.23
CA ILE A 12 -26.37 -2.78 -13.45
C ILE A 12 -26.58 -3.84 -14.54
N THR A 13 -27.70 -3.74 -15.26
CA THR A 13 -27.96 -4.59 -16.41
C THR A 13 -28.55 -3.72 -17.51
N VAL A 14 -27.79 -3.52 -18.59
CA VAL A 14 -28.20 -2.67 -19.70
C VAL A 14 -28.26 -3.50 -20.97
N SER A 15 -28.85 -2.91 -22.01
CA SER A 15 -28.86 -3.55 -23.31
C SER A 15 -27.57 -3.24 -24.05
N GLU A 16 -27.15 -4.21 -24.88
CA GLU A 16 -25.90 -4.09 -25.61
C GLU A 16 -25.94 -2.90 -26.56
N GLY A 17 -24.86 -2.12 -26.58
CA GLY A 17 -24.73 -1.00 -27.48
C GLY A 17 -25.06 0.36 -26.89
N ALA A 18 -25.34 0.44 -25.60
CA ALA A 18 -25.69 1.70 -24.95
C ALA A 18 -24.48 2.29 -24.23
N SER A 19 -24.64 3.53 -23.80
CA SER A 19 -23.60 4.19 -23.01
C SER A 19 -23.51 3.56 -21.62
N LEU A 20 -22.38 3.81 -20.97
CA LEU A 20 -22.12 3.19 -19.67
C LEU A 20 -21.31 4.14 -18.80
N GLU A 21 -21.67 4.22 -17.52
CA GLU A 21 -20.90 5.00 -16.56
C GLU A 21 -21.01 4.36 -15.19
N LEU A 22 -19.85 4.14 -14.56
CA LEU A 22 -19.78 3.62 -13.20
C LEU A 22 -19.04 4.63 -12.34
N ARG A 23 -19.64 5.00 -11.21
CA ARG A 23 -19.08 6.03 -10.35
C ARG A 23 -18.21 5.42 -9.26
N CYS A 24 -17.29 6.24 -8.76
CA CYS A 24 -16.38 5.85 -7.69
C CYS A 24 -15.94 7.12 -6.97
N ASN A 25 -16.46 7.34 -5.78
CA ASN A 25 -16.18 8.54 -5.00
C ASN A 25 -15.35 8.18 -3.77
N TYR A 26 -14.31 8.96 -3.50
CA TYR A 26 -13.44 8.77 -2.36
C TYR A 26 -13.62 9.92 -1.39
N SER A 27 -13.02 9.77 -0.20
CA SER A 27 -13.14 10.80 0.83
C SER A 27 -12.49 12.09 0.37
N TYR A 28 -13.14 13.21 0.70
CA TYR A 28 -12.67 14.52 0.28
C TYR A 28 -11.43 14.93 1.07
N GLY A 29 -10.34 14.20 0.88
CA GLY A 29 -9.12 14.47 1.61
C GLY A 29 -7.96 14.86 0.71
N ALA A 30 -6.99 13.97 0.55
CA ALA A 30 -5.80 14.22 -0.25
C ALA A 30 -6.09 13.88 -1.71
N THR A 31 -5.02 13.84 -2.52
CA THR A 31 -5.11 13.47 -3.94
C THR A 31 -4.49 12.08 -4.09
N PRO A 32 -5.27 11.01 -3.96
CA PRO A 32 -4.69 9.67 -3.91
C PRO A 32 -4.54 9.01 -5.27
N TYR A 33 -3.93 7.82 -5.28
CA TYR A 33 -3.86 7.02 -6.48
C TYR A 33 -5.24 6.47 -6.82
N LEU A 34 -5.49 6.25 -8.12
CA LEU A 34 -6.79 5.79 -8.58
C LEU A 34 -6.60 4.69 -9.61
N PHE A 35 -7.42 3.64 -9.48
CA PHE A 35 -7.40 2.53 -10.41
C PHE A 35 -8.82 2.04 -10.66
N TRP A 36 -9.01 1.38 -11.80
CA TRP A 36 -10.24 0.66 -12.12
C TRP A 36 -9.86 -0.73 -12.58
N TYR A 37 -10.19 -1.74 -11.78
CA TYR A 37 -9.88 -3.13 -12.10
C TYR A 37 -11.16 -3.87 -12.49
N VAL A 38 -11.04 -4.79 -13.44
CA VAL A 38 -12.13 -5.69 -13.81
C VAL A 38 -11.75 -7.09 -13.39
N GLN A 39 -12.71 -7.82 -12.84
CA GLN A 39 -12.50 -9.22 -12.47
C GLN A 39 -13.53 -10.07 -13.20
N SER A 40 -13.05 -10.87 -14.15
CA SER A 40 -13.89 -11.88 -14.74
C SER A 40 -14.28 -12.91 -13.68
N PRO A 41 -15.41 -13.60 -13.85
CA PRO A 41 -15.87 -14.50 -12.77
C PRO A 41 -14.85 -15.55 -12.37
N GLY A 42 -14.09 -16.09 -13.31
CA GLY A 42 -13.11 -17.10 -12.99
C GLY A 42 -11.73 -16.59 -12.62
N GLN A 43 -11.11 -15.82 -13.51
CA GLN A 43 -9.71 -15.44 -13.36
C GLN A 43 -9.58 -14.22 -12.46
N GLY A 44 -8.36 -13.67 -12.40
CA GLY A 44 -8.06 -12.56 -11.51
C GLY A 44 -8.44 -11.21 -12.09
N LEU A 45 -7.80 -10.17 -11.55
CA LEU A 45 -8.13 -8.79 -11.90
C LEU A 45 -7.25 -8.31 -13.05
N GLN A 46 -7.86 -7.55 -13.95
CA GLN A 46 -7.18 -6.96 -15.10
C GLN A 46 -7.27 -5.45 -14.99
N LEU A 47 -6.12 -4.77 -14.98
CA LEU A 47 -6.10 -3.33 -14.83
C LEU A 47 -6.61 -2.65 -16.10
N LEU A 48 -7.49 -1.67 -15.94
CA LEU A 48 -8.00 -0.92 -17.09
C LEU A 48 -7.24 0.38 -17.29
N LEU A 49 -7.15 1.21 -16.26
CA LEU A 49 -6.56 2.53 -16.38
C LEU A 49 -6.15 3.04 -15.01
N LYS A 50 -5.39 4.13 -15.01
CA LYS A 50 -4.90 4.76 -13.79
C LYS A 50 -4.67 6.23 -14.07
N TYR A 51 -4.57 7.02 -13.00
CA TYR A 51 -4.36 8.46 -13.17
C TYR A 51 -3.74 9.05 -11.91
N PHE A 52 -2.53 9.60 -12.05
CA PHE A 52 -2.03 10.57 -11.09
C PHE A 52 -1.26 11.72 -11.72
N SER A 53 -0.95 11.66 -13.03
CA SER A 53 -0.06 12.63 -13.64
C SER A 53 -0.62 14.05 -13.57
N GLY A 54 -1.91 14.21 -13.90
CA GLY A 54 -2.50 15.53 -13.95
C GLY A 54 -3.38 15.75 -15.17
N ASP A 55 -3.57 14.73 -15.99
CA ASP A 55 -4.48 14.77 -17.12
C ASP A 55 -5.83 14.23 -16.67
N THR A 56 -6.82 15.12 -16.54
CA THR A 56 -8.10 14.74 -15.94
C THR A 56 -8.81 13.66 -16.75
N LEU A 57 -8.55 13.57 -18.05
CA LEU A 57 -9.17 12.58 -18.92
C LEU A 57 -8.16 11.48 -19.24
N VAL A 58 -8.56 10.23 -19.02
CA VAL A 58 -7.72 9.06 -19.27
C VAL A 58 -8.46 8.12 -20.21
N GLN A 59 -7.78 7.71 -21.28
CA GLN A 59 -8.31 6.73 -22.22
C GLN A 59 -7.64 5.39 -21.97
N GLY A 60 -8.44 4.35 -21.72
CA GLY A 60 -7.90 3.06 -21.36
C GLY A 60 -8.17 1.95 -22.37
N ILE A 61 -8.02 0.70 -21.94
CA ILE A 61 -8.18 -0.46 -22.81
C ILE A 61 -9.65 -0.82 -22.93
N LYS A 62 -9.96 -1.69 -23.90
CA LYS A 62 -11.31 -2.20 -24.12
C LYS A 62 -12.31 -1.07 -24.36
N GLY A 63 -11.87 0.00 -25.00
CA GLY A 63 -12.73 1.15 -25.25
C GLY A 63 -13.11 1.95 -24.03
N PHE A 64 -12.71 1.52 -22.84
CA PHE A 64 -13.05 2.24 -21.62
C PHE A 64 -12.22 3.51 -21.49
N GLU A 65 -12.89 4.61 -21.15
CA GLU A 65 -12.23 5.87 -20.84
C GLU A 65 -12.76 6.39 -19.52
N ALA A 66 -11.89 7.03 -18.74
CA ALA A 66 -12.27 7.55 -17.44
C ALA A 66 -11.83 9.00 -17.31
N GLU A 67 -12.61 9.76 -16.53
CA GLU A 67 -12.35 11.17 -16.31
C GLU A 67 -12.29 11.45 -14.82
N PHE A 68 -11.36 12.30 -14.41
CA PHE A 68 -11.17 12.67 -13.03
C PHE A 68 -11.68 14.08 -12.80
N LYS A 69 -12.49 14.25 -11.77
CA LYS A 69 -13.07 15.55 -11.43
C LYS A 69 -12.83 15.80 -9.94
N ARG A 70 -11.79 16.59 -9.62
CA ARG A 70 -11.47 16.85 -8.23
C ARG A 70 -12.55 17.68 -7.55
N SER A 71 -13.25 18.55 -8.29
CA SER A 71 -14.33 19.31 -7.70
C SER A 71 -15.43 18.40 -7.17
N GLN A 72 -15.63 17.24 -7.81
CA GLN A 72 -16.57 16.24 -7.33
C GLN A 72 -15.88 15.08 -6.62
N SER A 73 -14.56 15.00 -6.68
CA SER A 73 -13.79 13.90 -6.10
C SER A 73 -14.26 12.56 -6.64
N SER A 74 -14.54 12.52 -7.94
CA SER A 74 -15.05 11.32 -8.60
C SER A 74 -14.14 10.94 -9.76
N PHE A 75 -13.97 9.62 -9.94
CA PHE A 75 -13.21 9.05 -11.05
C PHE A 75 -14.11 7.98 -11.66
N ASN A 76 -14.91 8.39 -12.64
CA ASN A 76 -16.00 7.56 -13.16
C ASN A 76 -15.54 6.82 -14.42
N LEU A 77 -15.81 5.53 -14.47
CA LEU A 77 -15.54 4.74 -15.66
C LEU A 77 -16.61 5.01 -16.72
N ARG A 78 -16.18 5.02 -17.99
CA ARG A 78 -17.09 5.24 -19.10
C ARG A 78 -16.71 4.34 -20.27
N LYS A 79 -17.70 4.09 -21.14
CA LYS A 79 -17.48 3.39 -22.39
C LYS A 79 -18.58 3.86 -23.33
N PRO A 80 -18.23 4.26 -24.56
CA PRO A 80 -19.26 4.80 -25.47
C PRO A 80 -20.37 3.81 -25.77
N SER A 81 -20.04 2.62 -26.26
CA SER A 81 -21.00 1.56 -26.50
C SER A 81 -20.47 0.27 -25.88
N VAL A 82 -21.20 -0.27 -24.91
CA VAL A 82 -20.75 -1.46 -24.20
C VAL A 82 -20.87 -2.68 -25.12
N HIS A 83 -19.85 -3.52 -25.10
CA HIS A 83 -19.86 -4.76 -25.84
C HIS A 83 -20.67 -5.81 -25.08
N TRP A 84 -20.88 -6.96 -25.73
CA TRP A 84 -21.60 -8.04 -25.07
C TRP A 84 -20.72 -8.81 -24.09
N SER A 85 -19.40 -8.69 -24.20
CA SER A 85 -18.49 -9.45 -23.36
C SER A 85 -18.13 -8.75 -22.06
N ASP A 86 -18.53 -7.49 -21.88
CA ASP A 86 -18.13 -6.73 -20.69
C ASP A 86 -18.86 -7.16 -19.43
N ALA A 87 -19.66 -8.22 -19.45
CA ALA A 87 -20.42 -8.64 -18.28
C ALA A 87 -19.48 -9.27 -17.27
N ALA A 88 -19.08 -8.50 -16.26
CA ALA A 88 -18.21 -8.97 -15.19
C ALA A 88 -18.33 -7.99 -14.03
N GLU A 89 -17.64 -8.32 -12.93
CA GLU A 89 -17.60 -7.44 -11.77
C GLU A 89 -16.50 -6.40 -11.94
N TYR A 90 -16.85 -5.14 -11.71
CA TYR A 90 -15.95 -4.02 -11.93
C TYR A 90 -15.60 -3.38 -10.60
N PHE A 91 -14.31 -3.30 -10.28
CA PHE A 91 -13.83 -2.72 -9.04
C PHE A 91 -13.04 -1.45 -9.33
N CYS A 92 -13.28 -0.42 -8.52
CA CYS A 92 -12.41 0.75 -8.50
C CYS A 92 -11.55 0.68 -7.24
N ALA A 93 -10.24 0.80 -7.43
CA ALA A 93 -9.28 0.65 -6.35
C ALA A 93 -8.47 1.94 -6.23
N VAL A 94 -8.30 2.40 -5.00
CA VAL A 94 -7.47 3.58 -4.72
C VAL A 94 -6.40 3.18 -3.73
N GLY A 95 -5.30 3.93 -3.76
CA GLY A 95 -4.27 3.80 -2.75
C GLY A 95 -4.09 5.10 -2.01
N PHE A 96 -4.48 5.11 -0.73
CA PHE A 96 -4.41 6.34 0.06
C PHE A 96 -2.94 6.66 0.31
N THR A 97 -2.50 7.79 -0.26
CA THR A 97 -1.07 8.07 -0.36
C THR A 97 -0.41 8.10 1.02
N GLY A 98 -1.01 8.81 1.96
CA GLY A 98 -0.45 8.87 3.31
C GLY A 98 -0.65 7.62 4.14
N GLY A 99 -1.59 6.76 3.75
CA GLY A 99 -1.88 5.56 4.51
C GLY A 99 -1.14 4.33 4.03
N GLY A 100 -0.08 4.54 3.26
CA GLY A 100 0.69 3.45 2.71
C GLY A 100 0.28 3.12 1.29
N ASN A 101 1.14 2.37 0.60
CA ASN A 101 0.91 2.03 -0.79
C ASN A 101 -0.14 0.95 -0.97
N LYS A 102 -0.67 0.39 0.11
CA LYS A 102 -1.70 -0.63 0.01
C LYS A 102 -2.95 -0.07 -0.65
N LEU A 103 -3.63 -0.92 -1.41
CA LEU A 103 -4.81 -0.51 -2.15
C LEU A 103 -6.07 -0.65 -1.31
N THR A 104 -7.01 0.28 -1.49
CA THR A 104 -8.33 0.22 -0.85
C THR A 104 -9.36 -0.04 -1.95
N PHE A 105 -10.00 -1.21 -1.88
CA PHE A 105 -10.92 -1.63 -2.92
C PHE A 105 -12.35 -1.22 -2.59
N GLY A 106 -13.16 -1.10 -3.64
CA GLY A 106 -14.54 -0.68 -3.50
C GLY A 106 -15.49 -1.82 -3.18
N THR A 107 -16.77 -1.48 -3.09
CA THR A 107 -17.78 -2.47 -2.73
C THR A 107 -18.03 -3.46 -3.85
N GLY A 108 -17.83 -3.05 -5.10
CA GLY A 108 -18.00 -3.95 -6.23
C GLY A 108 -19.28 -3.73 -7.01
N THR A 109 -19.17 -3.70 -8.33
CA THR A 109 -20.30 -3.53 -9.22
C THR A 109 -20.41 -4.73 -10.13
N GLN A 110 -21.55 -5.41 -10.10
CA GLN A 110 -21.82 -6.56 -10.96
C GLN A 110 -22.62 -6.10 -12.16
N LEU A 111 -22.03 -6.18 -13.34
CA LEU A 111 -22.73 -5.67 -14.52
C LEU A 111 -22.99 -6.81 -15.48
N LYS A 112 -24.20 -6.83 -16.01
CA LYS A 112 -24.65 -7.78 -17.02
C LYS A 112 -25.20 -7.02 -18.21
N VAL A 113 -25.19 -7.66 -19.37
CA VAL A 113 -25.66 -7.05 -20.61
C VAL A 113 -26.72 -7.94 -21.24
N GLU A 114 -27.86 -7.36 -21.56
CA GLU A 114 -28.90 -8.05 -22.30
C GLU A 114 -28.70 -7.83 -23.80
N LEU A 115 -29.19 -8.77 -24.59
CA LEU A 115 -28.92 -8.77 -26.02
C LEU A 115 -29.95 -7.92 -26.76
N ASN A 116 -29.46 -7.00 -27.59
CA ASN A 116 -30.31 -6.20 -28.47
C ASN A 116 -30.61 -7.02 -29.72
N ILE A 117 -31.44 -8.05 -29.52
CA ILE A 117 -31.71 -9.00 -30.59
C ILE A 117 -32.45 -8.28 -31.74
N GLN A 118 -32.19 -8.75 -32.96
CA GLN A 118 -32.70 -8.11 -34.17
C GLN A 118 -33.79 -8.92 -34.86
N ASN A 119 -33.57 -10.22 -35.04
CA ASN A 119 -34.50 -11.09 -35.77
C ASN A 119 -34.83 -12.28 -34.89
N PRO A 120 -35.76 -12.12 -33.95
CA PRO A 120 -36.12 -13.25 -33.07
C PRO A 120 -36.76 -14.38 -33.85
N ASP A 121 -36.49 -15.60 -33.42
CA ASP A 121 -37.00 -16.79 -34.07
C ASP A 121 -36.97 -17.96 -33.10
N PRO A 122 -37.86 -17.98 -32.11
CA PRO A 122 -37.77 -19.00 -31.06
C PRO A 122 -38.01 -20.40 -31.61
N ALA A 123 -37.34 -21.37 -30.97
CA ALA A 123 -37.46 -22.77 -31.36
C ALA A 123 -37.02 -23.65 -30.21
N VAL A 124 -37.45 -24.91 -30.26
CA VAL A 124 -37.06 -25.93 -29.30
C VAL A 124 -36.65 -27.17 -30.06
N TYR A 125 -35.45 -27.68 -29.76
CA TYR A 125 -34.91 -28.84 -30.46
C TYR A 125 -34.53 -29.92 -29.45
N GLN A 126 -34.77 -31.18 -29.81
CA GLN A 126 -34.33 -32.32 -29.02
C GLN A 126 -33.06 -32.87 -29.65
N LEU A 127 -31.93 -32.70 -28.97
CA LEU A 127 -30.65 -33.08 -29.53
C LEU A 127 -30.42 -34.58 -29.37
N ARG A 128 -29.49 -35.10 -30.18
CA ARG A 128 -29.25 -36.54 -30.23
C ARG A 128 -28.61 -37.03 -28.94
N ASP A 129 -29.20 -38.05 -28.33
CA ASP A 129 -28.59 -38.68 -27.18
C ASP A 129 -27.37 -39.49 -27.61
N SER A 130 -26.26 -39.31 -26.90
CA SER A 130 -25.05 -40.02 -27.26
C SER A 130 -25.05 -41.43 -26.67
N LYS A 131 -24.06 -42.22 -27.07
CA LYS A 131 -23.93 -43.60 -26.62
C LYS A 131 -23.44 -43.72 -25.19
N SER A 132 -23.20 -42.61 -24.49
CA SER A 132 -22.65 -42.62 -23.15
C SER A 132 -23.54 -41.85 -22.17
N SER A 133 -24.85 -41.82 -22.43
CA SER A 133 -25.77 -41.13 -21.55
C SER A 133 -27.16 -41.74 -21.69
N ASP A 134 -28.01 -41.42 -20.72
CA ASP A 134 -29.39 -41.90 -20.68
C ASP A 134 -30.41 -40.77 -20.77
N LYS A 135 -29.97 -39.56 -21.09
CA LYS A 135 -30.82 -38.38 -21.01
C LYS A 135 -30.97 -37.72 -22.38
N SER A 136 -32.16 -37.19 -22.63
CA SER A 136 -32.43 -36.39 -23.81
C SER A 136 -32.40 -34.91 -23.41
N VAL A 137 -31.68 -34.11 -24.19
CA VAL A 137 -31.45 -32.71 -23.85
C VAL A 137 -32.24 -31.82 -24.81
N CYS A 138 -32.51 -30.60 -24.35
CA CYS A 138 -33.32 -29.66 -25.08
C CYS A 138 -32.59 -28.32 -25.18
N LEU A 139 -32.94 -27.54 -26.20
CA LEU A 139 -32.26 -26.28 -26.48
C LEU A 139 -33.29 -25.22 -26.83
N PHE A 140 -33.40 -24.20 -25.99
CA PHE A 140 -34.21 -23.02 -26.25
C PHE A 140 -33.27 -21.94 -26.77
N THR A 141 -33.38 -21.60 -28.06
CA THR A 141 -32.44 -20.71 -28.70
C THR A 141 -33.19 -19.72 -29.59
N ASP A 142 -32.48 -18.65 -29.96
CA ASP A 142 -33.00 -17.62 -30.86
C ASP A 142 -34.25 -16.96 -30.30
N PHE A 143 -34.37 -16.90 -28.98
CA PHE A 143 -35.52 -16.27 -28.32
C PHE A 143 -35.19 -14.85 -27.93
N ASP A 144 -36.24 -14.06 -27.70
CA ASP A 144 -36.07 -12.66 -27.34
C ASP A 144 -35.40 -12.54 -25.96
N SER A 145 -34.64 -11.46 -25.79
CA SER A 145 -33.80 -11.33 -24.60
C SER A 145 -34.63 -11.26 -23.32
N GLN A 146 -35.75 -10.55 -23.35
CA GLN A 146 -36.54 -10.28 -22.15
C GLN A 146 -37.42 -11.46 -21.73
N THR A 147 -37.19 -12.65 -22.26
CA THR A 147 -37.93 -13.83 -21.87
C THR A 147 -37.26 -14.48 -20.66
N ASN A 148 -37.99 -14.59 -19.56
CA ASN A 148 -37.47 -15.16 -18.33
C ASN A 148 -37.92 -16.61 -18.21
N VAL A 149 -36.98 -17.50 -17.93
CA VAL A 149 -37.26 -18.93 -17.84
C VAL A 149 -37.58 -19.28 -16.39
N SER A 150 -38.80 -19.74 -16.15
CA SER A 150 -39.17 -20.23 -14.83
C SER A 150 -38.48 -21.57 -14.58
N GLN A 151 -37.75 -21.66 -13.49
CA GLN A 151 -36.94 -22.83 -13.22
C GLN A 151 -37.81 -24.04 -12.88
N SER A 152 -37.23 -25.23 -13.08
CA SER A 152 -37.98 -26.47 -12.95
C SER A 152 -38.34 -26.74 -11.50
N LYS A 153 -39.52 -27.34 -11.30
CA LYS A 153 -39.98 -27.78 -10.00
C LYS A 153 -40.05 -29.29 -9.86
N ASP A 154 -40.13 -30.02 -10.96
CA ASP A 154 -40.00 -31.47 -10.91
C ASP A 154 -38.58 -31.85 -10.54
N SER A 155 -38.46 -32.85 -9.67
CA SER A 155 -37.17 -33.16 -9.06
C SER A 155 -36.14 -33.68 -10.06
N ASP A 156 -36.60 -34.32 -11.14
CA ASP A 156 -35.70 -34.96 -12.09
C ASP A 156 -35.54 -34.17 -13.38
N VAL A 157 -35.76 -32.86 -13.35
CA VAL A 157 -35.59 -32.00 -14.52
C VAL A 157 -34.73 -30.81 -14.12
N TYR A 158 -33.71 -30.52 -14.91
CA TYR A 158 -32.84 -29.37 -14.69
C TYR A 158 -33.00 -28.38 -15.83
N ILE A 159 -33.10 -27.10 -15.48
CA ILE A 159 -33.18 -26.01 -16.46
C ILE A 159 -32.10 -24.98 -16.12
N THR A 160 -31.41 -24.49 -17.14
CA THR A 160 -30.31 -23.56 -16.98
C THR A 160 -30.76 -22.13 -17.23
N ASP A 161 -29.93 -21.19 -16.78
CA ASP A 161 -30.13 -19.78 -17.05
C ASP A 161 -29.51 -19.43 -18.39
N LYS A 162 -30.03 -18.37 -19.01
CA LYS A 162 -29.64 -18.03 -20.37
C LYS A 162 -28.21 -17.49 -20.43
N CYS A 163 -27.50 -17.87 -21.49
CA CYS A 163 -26.21 -17.29 -21.81
C CYS A 163 -26.10 -17.15 -23.31
N VAL A 164 -25.20 -16.27 -23.76
CA VAL A 164 -25.18 -15.79 -25.13
C VAL A 164 -23.91 -16.26 -25.83
N LEU A 165 -24.04 -16.64 -27.10
CA LEU A 165 -22.93 -16.98 -27.97
C LEU A 165 -22.84 -15.95 -29.09
N ASP A 166 -21.62 -15.70 -29.55
CA ASP A 166 -21.37 -14.76 -30.64
C ASP A 166 -20.52 -15.46 -31.69
N MET A 167 -21.08 -15.70 -32.86
CA MET A 167 -20.33 -16.23 -34.00
C MET A 167 -19.58 -15.05 -34.63
N ARG A 168 -18.31 -14.88 -34.22
CA ARG A 168 -17.55 -13.70 -34.64
C ARG A 168 -17.41 -13.63 -36.16
N SER A 169 -17.38 -14.77 -36.83
CA SER A 169 -17.16 -14.78 -38.28
C SER A 169 -18.33 -14.15 -39.03
N MET A 170 -19.56 -14.48 -38.65
CA MET A 170 -20.75 -14.05 -39.38
C MET A 170 -21.50 -12.92 -38.70
N ASP A 171 -21.04 -12.46 -37.55
CA ASP A 171 -21.72 -11.40 -36.78
C ASP A 171 -23.18 -11.77 -36.49
N PHE A 172 -23.34 -12.91 -35.82
CA PHE A 172 -24.64 -13.40 -35.42
C PHE A 172 -24.64 -13.66 -33.93
N LYS A 173 -25.61 -13.07 -33.23
CA LYS A 173 -25.75 -13.21 -31.79
C LYS A 173 -27.07 -13.88 -31.47
N SER A 174 -27.04 -14.89 -30.60
CA SER A 174 -28.23 -15.64 -30.24
C SER A 174 -28.15 -16.06 -28.78
N ASN A 175 -29.29 -16.04 -28.11
CA ASN A 175 -29.39 -16.53 -26.74
C ASN A 175 -29.60 -18.04 -26.73
N SER A 176 -29.40 -18.64 -25.57
CA SER A 176 -29.52 -20.08 -25.45
C SER A 176 -29.98 -20.45 -24.04
N ALA A 177 -30.61 -21.62 -23.93
CA ALA A 177 -31.04 -22.16 -22.65
C ALA A 177 -31.24 -23.66 -22.82
N VAL A 178 -30.54 -24.45 -22.02
CA VAL A 178 -30.56 -25.91 -22.16
C VAL A 178 -31.27 -26.52 -20.96
N ALA A 179 -31.93 -27.65 -21.23
CA ALA A 179 -32.62 -28.44 -20.20
C ALA A 179 -32.58 -29.90 -20.61
N TRP A 180 -32.55 -30.78 -19.62
CA TRP A 180 -32.43 -32.21 -19.88
C TRP A 180 -33.02 -32.99 -18.72
N SER A 181 -33.35 -34.26 -19.00
CA SER A 181 -33.85 -35.17 -17.98
C SER A 181 -33.61 -36.59 -18.46
N ASN A 182 -33.58 -37.52 -17.51
CA ASN A 182 -33.32 -38.93 -17.78
C ASN A 182 -34.58 -39.78 -17.81
N LYS A 183 -35.76 -39.17 -17.65
CA LYS A 183 -36.99 -39.92 -17.61
C LYS A 183 -37.37 -40.42 -18.99
N SER A 184 -37.89 -41.66 -19.05
CA SER A 184 -38.31 -42.23 -20.32
C SER A 184 -39.55 -41.53 -20.86
N ASP A 185 -40.44 -41.09 -19.98
CA ASP A 185 -41.67 -40.39 -20.37
C ASP A 185 -41.43 -38.91 -20.67
N PHE A 186 -40.19 -38.50 -20.89
CA PHE A 186 -39.84 -37.09 -21.05
C PHE A 186 -39.42 -36.83 -22.49
N ALA A 187 -40.09 -35.86 -23.14
CA ALA A 187 -39.70 -35.33 -24.42
C ALA A 187 -39.52 -33.82 -24.29
N CYS A 188 -38.77 -33.25 -25.24
CA CYS A 188 -38.40 -31.84 -25.12
C CYS A 188 -39.60 -30.91 -25.29
N ALA A 189 -40.64 -31.34 -26.00
CA ALA A 189 -41.81 -30.49 -26.17
C ALA A 189 -42.57 -30.27 -24.87
N ASN A 190 -42.37 -31.13 -23.87
CA ASN A 190 -43.07 -31.04 -22.60
C ASN A 190 -42.10 -30.79 -21.44
N ALA A 191 -41.13 -29.90 -21.67
CA ALA A 191 -40.15 -29.53 -20.65
C ALA A 191 -40.29 -28.10 -20.18
N PHE A 192 -40.52 -27.16 -21.09
CA PHE A 192 -40.60 -25.74 -20.76
C PHE A 192 -42.03 -25.29 -20.45
N ASN A 193 -42.91 -26.22 -20.09
CA ASN A 193 -44.27 -25.83 -19.71
C ASN A 193 -44.28 -25.07 -18.39
N ASN A 194 -43.29 -25.32 -17.53
CA ASN A 194 -43.15 -24.55 -16.30
C ASN A 194 -42.85 -23.09 -16.61
N SER A 195 -42.03 -22.84 -17.63
CA SER A 195 -41.66 -21.49 -18.00
C SER A 195 -42.64 -20.92 -19.03
N ILE A 196 -42.54 -19.62 -19.25
CA ILE A 196 -43.39 -18.92 -20.19
C ILE A 196 -42.73 -18.96 -21.57
N ILE A 197 -43.44 -19.50 -22.55
CA ILE A 197 -42.93 -19.60 -23.92
C ILE A 197 -43.82 -18.79 -24.85
N PRO A 198 -43.26 -18.13 -25.85
CA PRO A 198 -44.12 -17.45 -26.84
C PRO A 198 -44.96 -18.45 -27.60
N GLU A 199 -46.16 -17.99 -28.00
CA GLU A 199 -47.07 -18.86 -28.75
C GLU A 199 -46.50 -19.25 -30.09
N ASP A 200 -45.70 -18.37 -30.70
CA ASP A 200 -45.11 -18.62 -32.01
C ASP A 200 -43.79 -19.40 -31.93
N THR A 201 -43.53 -20.07 -30.81
CA THR A 201 -42.32 -20.87 -30.66
C THR A 201 -42.47 -22.15 -31.46
N PHE A 202 -41.50 -22.43 -32.33
CA PHE A 202 -41.55 -23.61 -33.18
C PHE A 202 -41.18 -24.85 -32.40
N PHE A 203 -41.84 -25.97 -32.73
CA PHE A 203 -41.58 -27.26 -32.12
C PHE A 203 -41.41 -28.31 -33.20
N PRO A 204 -40.63 -29.35 -32.94
CA PRO A 204 -40.36 -30.36 -33.98
C PRO A 204 -41.62 -31.12 -34.36
N SER A 205 -41.67 -31.54 -35.62
CA SER A 205 -42.79 -32.29 -36.14
C SER A 205 -42.63 -33.78 -35.86
N GLY B 4 0.56 -9.98 -15.74
CA GLY B 4 1.70 -10.78 -16.11
C GLY B 4 2.23 -11.65 -14.99
N VAL B 5 1.56 -11.60 -13.85
CA VAL B 5 1.95 -12.38 -12.68
C VAL B 5 1.54 -13.84 -12.88
N SER B 6 2.33 -14.75 -12.32
CA SER B 6 2.05 -16.18 -12.35
C SER B 6 1.92 -16.69 -10.93
N GLN B 7 0.80 -17.34 -10.63
CA GLN B 7 0.53 -17.91 -9.33
C GLN B 7 0.38 -19.41 -9.42
N ASP B 8 0.53 -20.07 -8.27
CA ASP B 8 0.43 -21.52 -8.17
C ASP B 8 0.16 -21.94 -6.73
N PRO B 9 -0.87 -22.77 -6.48
CA PRO B 9 -1.82 -23.24 -7.49
C PRO B 9 -3.00 -22.30 -7.64
N ARG B 10 -4.03 -22.74 -8.36
CA ARG B 10 -5.26 -21.97 -8.51
C ARG B 10 -6.37 -22.41 -7.58
N HIS B 11 -6.59 -23.71 -7.44
CA HIS B 11 -7.62 -24.26 -6.57
C HIS B 11 -7.00 -25.24 -5.60
N LYS B 12 -7.40 -25.15 -4.32
CA LYS B 12 -6.88 -26.03 -3.30
C LYS B 12 -7.99 -26.33 -2.30
N ILE B 13 -8.01 -27.56 -1.79
CA ILE B 13 -9.03 -28.03 -0.86
C ILE B 13 -8.36 -28.83 0.24
N THR B 14 -8.76 -28.58 1.48
CA THR B 14 -8.16 -29.23 2.65
C THR B 14 -9.22 -29.49 3.70
N LYS B 15 -8.85 -30.29 4.70
CA LYS B 15 -9.65 -30.46 5.90
C LYS B 15 -9.30 -29.35 6.89
N ARG B 16 -10.27 -29.02 7.75
CA ARG B 16 -10.08 -27.91 8.68
C ARG B 16 -8.98 -28.24 9.69
N GLY B 17 -8.27 -27.19 10.13
CA GLY B 17 -7.28 -27.32 11.17
C GLY B 17 -5.89 -27.71 10.72
N GLN B 18 -5.54 -27.51 9.46
CA GLN B 18 -4.21 -27.81 8.97
C GLN B 18 -3.60 -26.58 8.33
N ASN B 19 -2.43 -26.76 7.69
CA ASN B 19 -1.67 -25.67 7.12
C ASN B 19 -1.77 -25.70 5.59
N VAL B 20 -1.60 -24.52 4.98
CA VAL B 20 -1.65 -24.36 3.53
C VAL B 20 -0.38 -23.65 3.08
N THR B 21 -0.07 -23.81 1.80
CA THR B 21 1.14 -23.23 1.22
C THR B 21 0.93 -23.01 -0.27
N PHE B 22 1.11 -21.76 -0.71
CA PHE B 22 1.06 -21.40 -2.12
C PHE B 22 2.28 -20.58 -2.47
N ARG B 23 2.50 -20.39 -3.77
CA ARG B 23 3.63 -19.60 -4.25
C ARG B 23 3.13 -18.55 -5.24
N CYS B 24 3.94 -17.51 -5.41
CA CYS B 24 3.67 -16.46 -6.39
C CYS B 24 4.98 -16.07 -7.04
N ASP B 25 5.04 -16.14 -8.37
CA ASP B 25 6.23 -15.77 -9.14
C ASP B 25 5.93 -14.50 -9.93
N PRO B 26 6.12 -13.31 -9.35
CA PRO B 26 5.74 -12.07 -10.04
C PRO B 26 6.70 -11.68 -11.15
N ILE B 27 6.46 -10.49 -11.71
CA ILE B 27 7.23 -10.00 -12.86
C ILE B 27 8.67 -9.71 -12.43
N SER B 28 9.57 -9.81 -13.39
CA SER B 28 10.96 -9.44 -13.17
C SER B 28 11.10 -7.93 -13.05
N GLU B 29 12.17 -7.50 -12.39
CA GLU B 29 12.50 -6.09 -12.15
C GLU B 29 11.43 -5.36 -11.36
N HIS B 30 10.45 -6.07 -10.80
CA HIS B 30 9.45 -5.50 -9.92
C HIS B 30 9.84 -5.79 -8.48
N ASN B 31 10.06 -4.74 -7.69
CA ASN B 31 10.41 -4.90 -6.28
C ASN B 31 9.29 -4.34 -5.43
N ARG B 32 8.22 -5.12 -5.29
CA ARG B 32 7.16 -4.98 -4.30
C ARG B 32 6.18 -6.13 -4.52
N LEU B 33 5.53 -6.60 -3.45
CA LEU B 33 4.62 -7.73 -3.58
C LEU B 33 3.52 -7.60 -2.53
N TYR B 34 2.30 -7.35 -2.98
CA TYR B 34 1.14 -7.18 -2.10
C TYR B 34 0.29 -8.44 -2.14
N TRP B 35 -0.08 -8.94 -0.97
CA TRP B 35 -1.00 -10.07 -0.86
C TRP B 35 -2.39 -9.58 -0.50
N TYR B 36 -3.39 -10.16 -1.15
CA TYR B 36 -4.79 -9.81 -0.92
C TYR B 36 -5.63 -11.06 -0.77
N ARG B 37 -6.74 -10.91 -0.07
CA ARG B 37 -7.72 -11.98 0.14
C ARG B 37 -9.08 -11.48 -0.31
N GLN B 38 -9.67 -12.14 -1.29
CA GLN B 38 -10.96 -11.74 -1.84
C GLN B 38 -12.00 -12.81 -1.51
N THR B 39 -13.04 -12.41 -0.79
CA THR B 39 -14.16 -13.32 -0.53
C THR B 39 -14.95 -13.55 -1.81
N LEU B 40 -15.96 -14.40 -1.73
CA LEU B 40 -16.76 -14.73 -2.90
C LEU B 40 -17.58 -13.51 -3.30
N GLY B 41 -17.15 -12.85 -4.38
CA GLY B 41 -17.87 -11.70 -4.92
C GLY B 41 -17.84 -10.48 -4.02
N GLN B 42 -16.65 -9.95 -3.76
CA GLN B 42 -16.51 -8.75 -2.95
C GLN B 42 -15.12 -8.17 -3.20
N GLY B 43 -14.90 -6.97 -2.65
CA GLY B 43 -13.61 -6.33 -2.73
C GLY B 43 -12.54 -7.10 -1.99
N PRO B 44 -11.33 -7.14 -2.55
CA PRO B 44 -10.23 -7.84 -1.89
C PRO B 44 -9.87 -7.22 -0.54
N GLU B 45 -9.42 -8.06 0.37
CA GLU B 45 -8.97 -7.64 1.70
C GLU B 45 -7.45 -7.65 1.73
N PHE B 46 -6.87 -6.57 2.26
CA PHE B 46 -5.42 -6.42 2.28
C PHE B 46 -4.80 -7.36 3.31
N LEU B 47 -3.66 -7.96 2.95
CA LEU B 47 -2.95 -8.85 3.87
C LEU B 47 -1.60 -8.30 4.28
N THR B 48 -0.72 -7.98 3.33
CA THR B 48 0.64 -7.59 3.61
C THR B 48 1.28 -7.08 2.32
N TYR B 49 2.47 -6.50 2.45
CA TYR B 49 3.26 -6.16 1.27
C TYR B 49 4.74 -6.12 1.63
N PHE B 50 5.58 -6.44 0.65
CA PHE B 50 7.02 -6.57 0.81
C PHE B 50 7.72 -5.55 -0.08
N GLN B 51 9.00 -5.31 0.20
CA GLN B 51 9.87 -4.57 -0.72
C GLN B 51 11.15 -5.39 -0.91
N ASN B 52 11.06 -6.39 -1.79
CA ASN B 52 12.21 -7.08 -2.36
C ASN B 52 13.01 -7.89 -1.33
N GLU B 53 12.73 -7.71 -0.04
CA GLU B 53 13.48 -8.51 0.91
C GLU B 53 12.63 -9.12 2.01
N ALA B 54 11.65 -8.39 2.54
CA ALA B 54 11.04 -8.78 3.80
C ALA B 54 9.69 -8.11 3.96
N GLN B 55 8.99 -8.50 5.03
CA GLN B 55 7.62 -8.07 5.27
C GLN B 55 7.61 -6.74 6.00
N LEU B 56 6.86 -5.78 5.47
CA LEU B 56 6.83 -4.42 6.00
C LEU B 56 5.57 -4.09 6.78
N GLU B 57 4.42 -4.60 6.35
CA GLU B 57 3.16 -4.31 7.01
C GLU B 57 2.28 -5.55 6.97
N LYS B 58 1.54 -5.79 8.05
CA LYS B 58 0.62 -6.91 8.11
C LYS B 58 -0.64 -6.47 8.83
N SER B 59 -1.80 -6.89 8.32
CA SER B 59 -3.08 -6.51 8.90
C SER B 59 -3.21 -7.10 10.30
N ARG B 60 -3.34 -6.23 11.31
CA ARG B 60 -3.48 -6.69 12.68
C ARG B 60 -4.79 -7.44 12.88
N LEU B 61 -5.81 -7.14 12.07
CA LEU B 61 -7.06 -7.89 12.11
C LEU B 61 -6.91 -9.31 11.59
N LEU B 62 -5.71 -9.70 11.19
CA LEU B 62 -5.38 -11.07 10.83
C LEU B 62 -4.52 -11.68 11.93
N SER B 63 -4.83 -12.91 12.30
CA SER B 63 -4.13 -13.57 13.39
C SER B 63 -2.67 -13.84 13.03
N ASP B 64 -1.90 -14.25 14.03
CA ASP B 64 -0.48 -14.53 13.85
C ASP B 64 -0.22 -15.85 13.14
N ARG B 65 -1.22 -16.71 12.98
CA ARG B 65 -1.01 -17.96 12.26
C ARG B 65 -0.90 -17.75 10.76
N PHE B 66 -1.14 -16.53 10.27
CA PHE B 66 -0.92 -16.19 8.87
C PHE B 66 0.56 -15.87 8.70
N SER B 67 1.27 -16.69 7.93
CA SER B 67 2.70 -16.52 7.70
C SER B 67 2.94 -16.26 6.22
N ALA B 68 3.60 -15.15 5.91
CA ALA B 68 3.98 -14.80 4.55
C ALA B 68 5.45 -14.40 4.53
N GLU B 69 6.17 -14.88 3.52
CA GLU B 69 7.60 -14.60 3.44
C GLU B 69 8.02 -14.55 1.97
N ARG B 70 8.94 -13.63 1.66
CA ARG B 70 9.55 -13.49 0.35
C ARG B 70 11.05 -13.45 0.55
N PRO B 71 11.68 -14.61 0.77
CA PRO B 71 13.10 -14.64 1.19
C PRO B 71 14.07 -14.07 0.17
N LYS B 72 14.04 -14.59 -1.06
CA LYS B 72 15.01 -14.20 -2.07
C LYS B 72 14.55 -13.00 -2.90
N GLY B 73 13.38 -12.45 -2.62
CA GLY B 73 12.92 -11.25 -3.31
C GLY B 73 12.45 -11.45 -4.73
N SER B 74 12.41 -12.69 -5.22
CA SER B 74 11.89 -13.00 -6.54
C SER B 74 10.52 -13.65 -6.51
N PHE B 75 10.28 -14.52 -5.52
CA PHE B 75 8.99 -15.18 -5.37
C PHE B 75 8.58 -15.13 -3.90
N SER B 76 7.28 -15.17 -3.67
CA SER B 76 6.72 -15.10 -2.32
C SER B 76 6.19 -16.46 -1.90
N THR B 77 6.07 -16.62 -0.58
CA THR B 77 5.49 -17.81 0.02
C THR B 77 4.45 -17.39 1.05
N LEU B 78 3.39 -18.20 1.17
CA LEU B 78 2.29 -17.89 2.07
C LEU B 78 1.92 -19.16 2.83
N GLU B 79 1.74 -19.02 4.15
CA GLU B 79 1.42 -20.16 5.00
C GLU B 79 0.41 -19.72 6.04
N ILE B 80 -0.74 -20.39 6.07
CA ILE B 80 -1.80 -20.13 7.04
C ILE B 80 -2.07 -21.43 7.80
N GLN B 81 -1.98 -21.37 9.12
CA GLN B 81 -2.10 -22.54 9.97
C GLN B 81 -3.51 -22.67 10.52
N ARG B 82 -3.91 -23.91 10.82
CA ARG B 82 -5.21 -24.21 11.43
C ARG B 82 -6.35 -23.71 10.54
N THR B 83 -6.46 -24.34 9.37
CA THR B 83 -7.45 -23.96 8.38
C THR B 83 -8.86 -24.03 8.96
N GLU B 84 -9.67 -23.03 8.62
CA GLU B 84 -11.06 -22.96 9.03
C GLU B 84 -11.88 -22.45 7.86
N GLN B 85 -13.17 -22.80 7.86
CA GLN B 85 -14.04 -22.41 6.74
C GLN B 85 -14.21 -20.89 6.63
N GLY B 86 -14.01 -20.16 7.73
CA GLY B 86 -14.12 -18.71 7.68
C GLY B 86 -13.04 -18.03 6.87
N ASP B 87 -11.99 -18.74 6.50
CA ASP B 87 -10.91 -18.21 5.69
C ASP B 87 -10.99 -18.66 4.23
N SER B 88 -12.01 -19.44 3.86
CA SER B 88 -12.12 -19.95 2.50
C SER B 88 -12.51 -18.82 1.56
N ALA B 89 -11.58 -18.43 0.69
CA ALA B 89 -11.79 -17.32 -0.23
C ALA B 89 -10.69 -17.37 -1.28
N MET B 90 -10.70 -16.40 -2.19
CA MET B 90 -9.65 -16.26 -3.18
C MET B 90 -8.55 -15.35 -2.65
N TYR B 91 -7.31 -15.80 -2.77
CA TYR B 91 -6.15 -15.05 -2.30
C TYR B 91 -5.34 -14.56 -3.48
N LEU B 92 -5.06 -13.26 -3.51
CA LEU B 92 -4.44 -12.60 -4.65
C LEU B 92 -3.00 -12.22 -4.36
N CYS B 93 -2.20 -12.19 -5.42
CA CYS B 93 -0.82 -11.75 -5.37
C CYS B 93 -0.62 -10.66 -6.42
N ALA B 94 -0.03 -9.54 -6.02
CA ALA B 94 0.17 -8.41 -6.90
C ALA B 94 1.60 -7.90 -6.78
N SER B 95 2.05 -7.18 -7.81
CA SER B 95 3.39 -6.64 -7.84
C SER B 95 3.34 -5.20 -8.35
N SER B 96 4.33 -4.41 -7.92
CA SER B 96 4.48 -3.03 -8.36
C SER B 96 5.95 -2.68 -8.44
N ASP B 97 6.24 -1.47 -8.90
CA ASP B 97 7.61 -1.04 -9.14
C ASP B 97 8.17 -0.09 -8.09
N ARG B 98 7.33 0.77 -7.51
CA ARG B 98 7.72 1.76 -6.50
C ARG B 98 8.54 2.88 -7.14
N ASP B 99 8.93 2.71 -8.40
CA ASP B 99 9.59 3.77 -9.15
C ASP B 99 8.68 4.44 -10.16
N ARG B 100 7.59 3.81 -10.57
CA ARG B 100 6.55 4.47 -11.34
C ARG B 100 5.63 5.19 -10.36
N VAL B 101 5.47 6.50 -10.54
CA VAL B 101 4.74 7.30 -9.55
C VAL B 101 3.29 6.85 -9.41
N PRO B 102 2.52 6.58 -10.48
CA PRO B 102 1.18 6.02 -10.26
C PRO B 102 1.18 4.72 -9.48
N GLU B 103 2.31 3.99 -9.45
CA GLU B 103 2.47 2.79 -8.62
C GLU B 103 1.41 1.75 -8.96
N THR B 104 1.33 1.42 -10.24
CA THR B 104 0.31 0.49 -10.72
C THR B 104 0.59 -0.90 -10.20
N GLN B 105 -0.44 -1.52 -9.62
CA GLN B 105 -0.36 -2.90 -9.16
C GLN B 105 -0.98 -3.83 -10.20
N TYR B 106 -0.25 -4.88 -10.56
CA TYR B 106 -0.71 -5.89 -11.50
C TYR B 106 -0.94 -7.18 -10.73
N PHE B 107 -2.16 -7.71 -10.81
CA PHE B 107 -2.55 -8.87 -10.04
C PHE B 107 -2.34 -10.16 -10.84
N GLY B 108 -2.34 -11.27 -10.12
CA GLY B 108 -2.23 -12.57 -10.73
C GLY B 108 -3.57 -13.28 -10.81
N PRO B 109 -3.57 -14.50 -11.38
CA PRO B 109 -4.83 -15.25 -11.51
C PRO B 109 -5.43 -15.66 -10.16
N GLY B 110 -4.70 -15.51 -9.07
CA GLY B 110 -5.26 -15.77 -7.76
C GLY B 110 -5.31 -17.25 -7.42
N THR B 111 -5.79 -17.52 -6.21
CA THR B 111 -5.93 -18.89 -5.72
C THR B 111 -7.14 -18.94 -4.81
N ARG B 112 -8.12 -19.77 -5.17
CA ARG B 112 -9.34 -19.91 -4.40
C ARG B 112 -9.18 -21.01 -3.35
N LEU B 113 -9.50 -20.69 -2.10
CA LEU B 113 -9.38 -21.62 -0.98
C LEU B 113 -10.77 -22.08 -0.55
N LEU B 114 -10.89 -23.39 -0.32
CA LEU B 114 -12.09 -23.97 0.27
C LEU B 114 -11.67 -24.91 1.39
N VAL B 115 -12.13 -24.62 2.60
CA VAL B 115 -11.85 -25.44 3.77
C VAL B 115 -13.08 -26.27 4.08
N LEU B 116 -12.87 -27.53 4.46
CA LEU B 116 -13.97 -28.42 4.82
C LEU B 116 -13.69 -29.04 6.18
N GLU B 117 -14.76 -29.36 6.90
CA GLU B 117 -14.61 -30.05 8.18
C GLU B 117 -14.22 -31.51 7.97
N ASP B 118 -14.58 -32.09 6.83
CA ASP B 118 -14.17 -33.44 6.47
C ASP B 118 -14.39 -33.62 4.97
N LEU B 119 -13.56 -34.44 4.35
CA LEU B 119 -13.62 -34.68 2.90
C LEU B 119 -14.67 -35.73 2.56
N LYS B 120 -15.91 -35.42 2.91
CA LYS B 120 -17.06 -36.28 2.64
C LYS B 120 -17.86 -35.80 1.43
N ASN B 121 -17.26 -34.99 0.56
CA ASN B 121 -18.01 -34.32 -0.50
C ASN B 121 -17.40 -34.45 -1.88
N VAL B 122 -16.25 -35.12 -2.02
CA VAL B 122 -15.49 -35.08 -3.27
C VAL B 122 -16.06 -36.13 -4.23
N PHE B 123 -16.63 -35.68 -5.34
CA PHE B 123 -17.13 -36.56 -6.40
C PHE B 123 -16.73 -35.95 -7.75
N PRO B 124 -16.19 -36.74 -8.66
CA PRO B 124 -15.74 -36.20 -9.95
C PRO B 124 -16.88 -36.11 -10.95
N PRO B 125 -16.71 -35.36 -12.03
CA PRO B 125 -17.76 -35.25 -13.05
C PRO B 125 -17.68 -36.33 -14.11
N GLU B 126 -18.79 -36.47 -14.84
CA GLU B 126 -18.88 -37.29 -16.03
C GLU B 126 -19.32 -36.42 -17.20
N VAL B 127 -18.75 -36.66 -18.38
CA VAL B 127 -18.89 -35.77 -19.52
C VAL B 127 -19.49 -36.53 -20.70
N ALA B 128 -20.44 -35.90 -21.38
CA ALA B 128 -21.01 -36.44 -22.60
C ALA B 128 -21.32 -35.29 -23.55
N VAL B 129 -21.30 -35.59 -24.85
CA VAL B 129 -21.56 -34.61 -25.90
C VAL B 129 -22.85 -34.99 -26.61
N PHE B 130 -23.64 -33.98 -26.99
CA PHE B 130 -24.91 -34.17 -27.67
C PHE B 130 -24.89 -33.42 -28.99
N GLU B 131 -25.28 -34.11 -30.08
CA GLU B 131 -25.25 -33.60 -31.44
C GLU B 131 -26.56 -32.89 -31.78
N PRO B 132 -26.48 -31.82 -32.58
CA PRO B 132 -27.69 -31.06 -32.91
C PRO B 132 -28.67 -31.86 -33.75
N SER B 133 -29.95 -31.57 -33.56
CA SER B 133 -31.00 -32.16 -34.38
C SER B 133 -31.06 -31.48 -35.75
N GLU B 134 -31.55 -32.23 -36.74
CA GLU B 134 -31.69 -31.68 -38.08
C GLU B 134 -32.70 -30.54 -38.14
N ALA B 135 -33.63 -30.48 -37.17
CA ALA B 135 -34.60 -29.39 -37.13
C ALA B 135 -33.91 -28.04 -37.02
N GLU B 136 -32.75 -27.99 -36.36
CA GLU B 136 -31.96 -26.77 -36.35
C GLU B 136 -31.35 -26.49 -37.72
N ILE B 137 -30.74 -27.51 -38.33
CA ILE B 137 -30.12 -27.34 -39.64
C ILE B 137 -31.18 -27.06 -40.69
N SER B 138 -32.35 -27.71 -40.58
CA SER B 138 -33.45 -27.45 -41.50
C SER B 138 -33.99 -26.03 -41.36
N HIS B 139 -33.69 -25.35 -40.25
CA HIS B 139 -34.19 -24.00 -40.00
C HIS B 139 -33.10 -22.95 -39.88
N THR B 140 -31.86 -23.32 -39.57
CA THR B 140 -30.79 -22.37 -39.36
C THR B 140 -29.60 -22.53 -40.30
N GLN B 141 -29.42 -23.70 -40.92
CA GLN B 141 -28.21 -24.05 -41.66
C GLN B 141 -26.96 -23.97 -40.78
N LYS B 142 -27.15 -24.05 -39.47
CA LYS B 142 -26.08 -24.03 -38.50
C LYS B 142 -26.42 -25.00 -37.38
N ALA B 143 -25.39 -25.58 -36.77
CA ALA B 143 -25.57 -26.64 -35.78
C ALA B 143 -25.03 -26.19 -34.43
N THR B 144 -25.82 -26.41 -33.38
CA THR B 144 -25.48 -26.02 -32.02
C THR B 144 -25.27 -27.27 -31.18
N LEU B 145 -24.03 -27.52 -30.77
CA LEU B 145 -23.67 -28.68 -29.96
C LEU B 145 -23.71 -28.32 -28.47
N VAL B 146 -23.72 -29.35 -27.64
CA VAL B 146 -23.86 -29.18 -26.19
C VAL B 146 -22.90 -30.13 -25.48
N CYS B 147 -22.26 -29.63 -24.42
CA CYS B 147 -21.51 -30.44 -23.48
C CYS B 147 -22.12 -30.28 -22.09
N LEU B 148 -22.13 -31.36 -21.32
CA LEU B 148 -22.81 -31.37 -20.03
C LEU B 148 -21.95 -32.02 -18.96
N ALA B 149 -22.01 -31.48 -17.76
CA ALA B 149 -21.34 -32.04 -16.59
C ALA B 149 -22.39 -32.64 -15.67
N THR B 150 -22.13 -33.85 -15.17
CA THR B 150 -23.08 -34.59 -14.37
C THR B 150 -22.45 -34.98 -13.04
N GLY B 151 -23.05 -34.50 -11.95
CA GLY B 151 -22.71 -34.95 -10.61
C GLY B 151 -21.26 -34.80 -10.20
N PHE B 152 -20.80 -33.55 -10.01
CA PHE B 152 -19.46 -33.30 -9.53
C PHE B 152 -19.50 -32.40 -8.30
N TYR B 153 -18.37 -32.32 -7.62
CA TYR B 153 -18.24 -31.54 -6.40
C TYR B 153 -16.75 -31.35 -6.09
N PRO B 154 -16.29 -30.12 -5.83
CA PRO B 154 -17.10 -28.89 -5.84
C PRO B 154 -17.07 -28.17 -7.19
N ASP B 155 -17.55 -26.92 -7.21
CA ASP B 155 -17.63 -26.13 -8.43
C ASP B 155 -16.27 -25.52 -8.75
N HIS B 156 -15.34 -26.40 -9.14
CA HIS B 156 -13.98 -26.02 -9.56
C HIS B 156 -13.71 -26.72 -10.88
N VAL B 157 -14.08 -26.08 -11.99
CA VAL B 157 -13.92 -26.66 -13.32
C VAL B 157 -13.42 -25.58 -14.28
N GLU B 158 -12.87 -26.03 -15.40
CA GLU B 158 -12.40 -25.14 -16.47
C GLU B 158 -12.76 -25.82 -17.78
N LEU B 159 -13.81 -25.33 -18.44
CA LEU B 159 -14.32 -25.96 -19.65
C LEU B 159 -13.72 -25.28 -20.88
N SER B 160 -13.34 -26.09 -21.86
CA SER B 160 -12.77 -25.59 -23.10
C SER B 160 -13.18 -26.49 -24.25
N TRP B 161 -13.18 -25.93 -25.45
CA TRP B 161 -13.56 -26.64 -26.66
C TRP B 161 -12.36 -26.73 -27.60
N TRP B 162 -12.35 -27.78 -28.44
CA TRP B 162 -11.25 -28.03 -29.34
C TRP B 162 -11.80 -28.51 -30.68
N VAL B 163 -11.49 -27.78 -31.74
CA VAL B 163 -11.81 -28.17 -33.10
C VAL B 163 -10.50 -28.44 -33.82
N ASN B 164 -10.31 -29.69 -34.26
CA ASN B 164 -9.08 -30.11 -34.93
C ASN B 164 -7.84 -29.88 -34.06
N GLY B 165 -7.99 -30.05 -32.75
CA GLY B 165 -6.86 -29.91 -31.84
C GLY B 165 -6.48 -28.49 -31.47
N LYS B 166 -7.28 -27.50 -31.84
CA LYS B 166 -6.99 -26.10 -31.50
C LYS B 166 -8.22 -25.46 -30.87
N GLU B 167 -8.01 -24.71 -29.80
CA GLU B 167 -9.09 -24.08 -29.08
C GLU B 167 -9.72 -22.97 -29.91
N VAL B 168 -11.05 -22.95 -29.95
CA VAL B 168 -11.80 -21.92 -30.67
C VAL B 168 -12.79 -21.29 -29.69
N HIS B 169 -13.11 -20.01 -29.94
CA HIS B 169 -13.99 -19.27 -29.06
C HIS B 169 -15.16 -18.59 -29.76
N SER B 170 -15.17 -18.56 -31.09
CA SER B 170 -16.29 -17.94 -31.80
C SER B 170 -17.53 -18.84 -31.71
N GLY B 171 -18.66 -18.23 -31.37
CA GLY B 171 -19.90 -18.98 -31.25
C GLY B 171 -19.91 -20.00 -30.14
N VAL B 172 -19.27 -19.71 -29.02
CA VAL B 172 -19.21 -20.61 -27.87
C VAL B 172 -19.83 -19.90 -26.67
N CYS B 173 -20.73 -20.60 -25.98
CA CYS B 173 -21.36 -20.05 -24.78
C CYS B 173 -21.39 -21.12 -23.71
N THR B 174 -21.31 -20.67 -22.45
CA THR B 174 -21.23 -21.56 -21.31
C THR B 174 -21.96 -20.90 -20.14
N ASP B 175 -22.50 -21.71 -19.25
CA ASP B 175 -23.17 -21.19 -18.06
C ASP B 175 -22.17 -20.45 -17.18
N PRO B 176 -22.47 -19.20 -16.78
CA PRO B 176 -21.52 -18.48 -15.91
C PRO B 176 -21.29 -19.17 -14.57
N GLN B 177 -22.29 -19.90 -14.05
CA GLN B 177 -22.16 -20.52 -12.74
C GLN B 177 -22.71 -21.94 -12.76
N PRO B 178 -22.05 -22.89 -12.10
CA PRO B 178 -22.63 -24.21 -11.93
C PRO B 178 -23.75 -24.19 -10.90
N LEU B 179 -24.62 -25.18 -10.99
CA LEU B 179 -25.79 -25.28 -10.12
C LEU B 179 -25.64 -26.42 -9.13
N LYS B 180 -26.63 -26.52 -8.24
CA LYS B 180 -26.72 -27.61 -7.26
C LYS B 180 -27.76 -28.61 -7.76
N GLU B 181 -27.32 -29.83 -8.08
CA GLU B 181 -28.26 -30.85 -8.51
C GLU B 181 -29.23 -31.24 -7.39
N GLN B 182 -28.84 -30.98 -6.14
CA GLN B 182 -29.69 -31.19 -4.97
C GLN B 182 -29.74 -29.86 -4.22
N PRO B 183 -30.65 -28.96 -4.61
CA PRO B 183 -30.64 -27.60 -4.05
C PRO B 183 -31.01 -27.55 -2.57
N ALA B 184 -31.27 -28.72 -1.97
CA ALA B 184 -31.58 -28.83 -0.56
C ALA B 184 -30.41 -29.37 0.26
N LEU B 185 -29.20 -29.35 -0.31
CA LEU B 185 -28.03 -29.85 0.40
C LEU B 185 -26.81 -28.97 0.14
N SER B 188 -24.90 -32.36 -2.12
CA SER B 188 -25.34 -31.57 -3.27
C SER B 188 -24.30 -31.53 -4.38
N ARG B 189 -24.31 -32.54 -5.25
CA ARG B 189 -23.41 -32.54 -6.39
C ARG B 189 -23.77 -31.42 -7.35
N TYR B 190 -22.78 -30.96 -8.10
CA TYR B 190 -22.93 -29.84 -9.01
C TYR B 190 -23.14 -30.30 -10.45
N ALA B 191 -23.65 -29.38 -11.27
CA ALA B 191 -23.82 -29.62 -12.70
C ALA B 191 -23.54 -28.33 -13.45
N LEU B 192 -23.04 -28.48 -14.68
CA LEU B 192 -22.70 -27.34 -15.52
C LEU B 192 -23.09 -27.67 -16.96
N SER B 193 -23.36 -26.62 -17.74
CA SER B 193 -23.75 -26.77 -19.12
C SER B 193 -22.88 -25.91 -20.02
N SER B 194 -22.79 -26.29 -21.29
CA SER B 194 -22.03 -25.56 -22.28
C SER B 194 -22.60 -25.85 -23.65
N ARG B 195 -22.43 -24.90 -24.57
CA ARG B 195 -22.94 -25.03 -25.93
C ARG B 195 -21.89 -24.56 -26.92
N LEU B 196 -22.01 -25.05 -28.16
CA LEU B 196 -21.10 -24.68 -29.23
C LEU B 196 -21.87 -24.72 -30.54
N ARG B 197 -21.79 -23.61 -31.30
CA ARG B 197 -22.58 -23.46 -32.51
C ARG B 197 -21.67 -23.16 -33.69
N VAL B 198 -21.84 -23.92 -34.77
CA VAL B 198 -21.13 -23.71 -36.04
C VAL B 198 -22.10 -23.99 -37.18
N SER B 199 -21.66 -23.65 -38.40
CA SER B 199 -22.51 -23.78 -39.57
C SER B 199 -22.70 -25.24 -39.95
N ALA B 200 -23.71 -25.48 -40.80
CA ALA B 200 -24.03 -26.85 -41.23
C ALA B 200 -22.89 -27.47 -42.02
N THR B 201 -22.29 -26.70 -42.94
CA THR B 201 -21.16 -27.22 -43.70
C THR B 201 -19.99 -27.56 -42.81
N PHE B 202 -19.80 -26.79 -41.73
CA PHE B 202 -18.82 -27.16 -40.71
C PHE B 202 -19.24 -28.43 -39.98
N TRP B 203 -20.56 -28.68 -39.89
CA TRP B 203 -21.09 -29.84 -39.18
C TRP B 203 -21.28 -31.03 -40.11
N GLN B 204 -21.90 -30.82 -41.28
CA GLN B 204 -22.17 -31.91 -42.20
C GLN B 204 -20.91 -32.45 -42.86
N ASN B 205 -19.75 -31.82 -42.62
CA ASN B 205 -18.47 -32.38 -43.03
C ASN B 205 -17.93 -33.25 -41.91
N PRO B 206 -17.74 -34.56 -42.12
CA PRO B 206 -17.34 -35.44 -41.02
C PRO B 206 -15.90 -35.27 -40.55
N ARG B 207 -15.05 -34.57 -41.31
CA ARG B 207 -13.63 -34.53 -40.98
C ARG B 207 -13.35 -33.63 -39.78
N ASN B 208 -14.20 -32.64 -39.53
CA ASN B 208 -13.96 -31.71 -38.43
C ASN B 208 -14.05 -32.44 -37.09
N HIS B 209 -13.04 -32.24 -36.25
CA HIS B 209 -12.97 -32.88 -34.94
C HIS B 209 -13.57 -31.97 -33.88
N PHE B 210 -14.18 -32.58 -32.87
CA PHE B 210 -14.77 -31.84 -31.77
C PHE B 210 -14.49 -32.58 -30.47
N ARG B 211 -14.01 -31.84 -29.46
CA ARG B 211 -13.77 -32.41 -28.14
C ARG B 211 -14.13 -31.39 -27.08
N CYS B 212 -14.82 -31.85 -26.04
CA CYS B 212 -15.20 -31.02 -24.90
C CYS B 212 -14.19 -31.28 -23.78
N GLN B 213 -13.27 -30.33 -23.57
CA GLN B 213 -12.26 -30.47 -22.53
C GLN B 213 -12.77 -29.86 -21.23
N VAL B 214 -12.83 -30.67 -20.18
CA VAL B 214 -13.26 -30.23 -18.86
C VAL B 214 -12.17 -30.68 -17.88
N GLN B 215 -11.23 -29.79 -17.60
CA GLN B 215 -10.20 -30.07 -16.60
C GLN B 215 -10.76 -29.76 -15.23
N PHE B 216 -10.73 -30.76 -14.35
CA PHE B 216 -11.27 -30.63 -12.99
C PHE B 216 -10.13 -30.41 -12.01
N TYR B 217 -10.28 -29.40 -11.16
CA TYR B 217 -9.34 -29.15 -10.07
C TYR B 217 -9.82 -29.91 -8.84
N GLY B 218 -9.15 -31.02 -8.52
CA GLY B 218 -9.56 -31.88 -7.42
C GLY B 218 -8.38 -32.22 -6.53
N LEU B 219 -8.31 -33.50 -6.14
CA LEU B 219 -7.27 -33.96 -5.23
C LEU B 219 -5.92 -34.01 -5.92
N SER B 220 -4.87 -33.99 -5.10
CA SER B 220 -3.49 -34.09 -5.55
C SER B 220 -2.93 -35.45 -5.15
N GLU B 221 -1.64 -35.66 -5.46
CA GLU B 221 -1.02 -36.93 -5.15
C GLU B 221 -0.68 -37.06 -3.66
N ASN B 222 -0.43 -35.94 -2.99
CA ASN B 222 -0.14 -35.98 -1.56
C ASN B 222 -1.36 -36.32 -0.73
N ASP B 223 -2.56 -36.15 -1.28
CA ASP B 223 -3.78 -36.49 -0.55
C ASP B 223 -3.89 -37.99 -0.37
N GLU B 224 -4.54 -38.38 0.73
CA GLU B 224 -4.80 -39.78 1.05
C GLU B 224 -6.28 -40.08 0.81
N TRP B 225 -6.56 -41.14 0.06
CA TRP B 225 -7.92 -41.52 -0.28
C TRP B 225 -8.34 -42.69 0.59
N THR B 226 -9.44 -42.52 1.31
CA THR B 226 -9.91 -43.51 2.27
C THR B 226 -11.18 -44.23 1.83
N GLN B 227 -11.81 -43.79 0.75
CA GLN B 227 -13.06 -44.39 0.30
C GLN B 227 -12.80 -45.53 -0.68
N ASP B 228 -13.76 -46.45 -0.75
CA ASP B 228 -13.66 -47.61 -1.63
C ASP B 228 -14.13 -47.23 -3.03
N ARG B 229 -13.34 -46.36 -3.65
CA ARG B 229 -13.64 -45.88 -5.00
C ARG B 229 -12.39 -45.23 -5.57
N ALA B 230 -12.48 -44.84 -6.84
CA ALA B 230 -11.36 -44.19 -7.50
C ALA B 230 -11.06 -42.85 -6.85
N LYS B 231 -9.78 -42.51 -6.76
CA LYS B 231 -9.37 -41.27 -6.12
C LYS B 231 -9.69 -40.09 -7.04
N PRO B 232 -10.45 -39.10 -6.58
CA PRO B 232 -10.83 -37.95 -7.43
C PRO B 232 -9.68 -36.95 -7.58
N VAL B 233 -8.59 -37.40 -8.18
CA VAL B 233 -7.41 -36.57 -8.42
C VAL B 233 -7.69 -35.57 -9.53
N THR B 234 -6.79 -34.62 -9.71
CA THR B 234 -6.86 -33.70 -10.84
C THR B 234 -7.06 -34.46 -12.14
N GLN B 235 -8.19 -34.21 -12.79
CA GLN B 235 -8.59 -34.96 -13.98
C GLN B 235 -9.10 -34.02 -15.04
N ILE B 236 -8.85 -34.39 -16.30
CA ILE B 236 -9.36 -33.65 -17.46
C ILE B 236 -10.30 -34.60 -18.19
N VAL B 237 -11.58 -34.55 -17.83
CA VAL B 237 -12.56 -35.47 -18.40
C VAL B 237 -13.02 -34.94 -19.75
N SER B 238 -12.73 -35.69 -20.81
CA SER B 238 -13.01 -35.27 -22.17
C SER B 238 -14.03 -36.19 -22.82
N ALA B 239 -14.78 -35.62 -23.75
CA ALA B 239 -15.70 -36.39 -24.58
C ALA B 239 -15.71 -35.77 -25.97
N GLU B 240 -15.59 -36.61 -26.99
CA GLU B 240 -15.38 -36.15 -28.35
C GLU B 240 -16.54 -36.56 -29.24
N ALA B 241 -16.54 -36.00 -30.45
CA ALA B 241 -17.54 -36.31 -31.45
C ALA B 241 -16.99 -35.97 -32.83
N TRP B 242 -17.49 -36.67 -33.84
CA TRP B 242 -17.11 -36.42 -35.22
C TRP B 242 -18.28 -35.77 -35.96
N GLY B 243 -17.98 -35.18 -37.11
CA GLY B 243 -19.02 -34.72 -37.98
C GLY B 243 -19.81 -35.86 -38.58
N ARG B 244 -21.01 -35.54 -39.06
CA ARG B 244 -21.95 -36.54 -39.52
C ARG B 244 -22.55 -36.14 -40.86
N ALA B 245 -22.94 -37.14 -41.63
CA ALA B 245 -23.59 -36.92 -42.92
C ALA B 245 -25.10 -36.90 -42.77
N GLY C 2 -0.03 30.60 16.11
CA GLY C 2 1.05 31.20 15.34
C GLY C 2 1.58 30.29 14.26
N SER C 3 2.67 30.70 13.62
CA SER C 3 3.26 29.90 12.55
C SER C 3 3.97 28.69 13.14
N HIS C 4 3.62 27.50 12.64
CA HIS C 4 4.21 26.25 13.08
C HIS C 4 4.54 25.40 11.86
N SER C 5 5.31 24.34 12.09
CA SER C 5 5.77 23.49 11.00
C SER C 5 5.93 22.06 11.47
N MET C 6 6.20 21.18 10.52
CA MET C 6 6.50 19.77 10.81
C MET C 6 7.63 19.32 9.89
N ARG C 7 8.61 18.62 10.46
CA ARG C 7 9.75 18.14 9.72
C ARG C 7 9.92 16.64 9.95
N TYR C 8 10.53 15.98 8.97
CA TYR C 8 10.88 14.56 9.08
C TYR C 8 12.35 14.40 8.71
N PHE C 9 13.14 13.91 9.65
CA PHE C 9 14.57 13.71 9.45
C PHE C 9 14.89 12.23 9.44
N SER C 10 15.74 11.82 8.49
CA SER C 10 16.20 10.44 8.40
C SER C 10 17.71 10.43 8.29
N THR C 11 18.32 9.33 8.75
CA THR C 11 19.77 9.19 8.72
C THR C 11 20.12 7.73 8.54
N SER C 12 20.89 7.42 7.50
CA SER C 12 21.39 6.08 7.25
C SER C 12 22.91 6.14 7.20
N VAL C 13 23.57 5.36 8.06
CA VAL C 13 25.01 5.36 8.18
C VAL C 13 25.50 3.96 7.83
N SER C 14 26.20 3.85 6.70
CA SER C 14 26.72 2.56 6.25
C SER C 14 27.86 2.09 7.15
N ARG C 15 27.98 0.76 7.26
CA ARG C 15 29.04 0.13 8.04
C ARG C 15 29.45 -1.18 7.39
N PRO C 16 30.66 -1.25 6.83
CA PRO C 16 31.09 -2.48 6.14
C PRO C 16 31.29 -3.61 7.13
N GLY C 17 30.60 -4.73 6.89
CA GLY C 17 30.75 -5.92 7.69
C GLY C 17 30.05 -5.89 9.03
N ARG C 18 29.58 -4.73 9.49
CA ARG C 18 28.92 -4.59 10.78
C ARG C 18 27.40 -4.69 10.69
N GLY C 19 26.89 -5.44 9.71
CA GLY C 19 25.46 -5.59 9.54
C GLY C 19 24.86 -4.53 8.65
N GLU C 20 23.52 -4.51 8.63
CA GLU C 20 22.82 -3.49 7.88
C GLU C 20 23.12 -2.11 8.47
N PRO C 21 23.18 -1.08 7.61
CA PRO C 21 23.52 0.25 8.09
C PRO C 21 22.56 0.74 9.17
N ARG C 22 23.11 1.45 10.16
CA ARG C 22 22.29 2.00 11.23
C ARG C 22 21.36 3.06 10.66
N PHE C 23 20.06 2.84 10.82
CA PHE C 23 19.04 3.73 10.27
C PHE C 23 18.31 4.40 11.42
N ILE C 24 18.38 5.73 11.47
CA ILE C 24 17.70 6.52 12.49
C ILE C 24 16.78 7.51 11.78
N ALA C 25 15.49 7.44 12.07
CA ALA C 25 14.50 8.34 11.51
C ALA C 25 13.70 8.95 12.64
N VAL C 26 13.55 10.27 12.62
CA VAL C 26 12.81 10.98 13.66
C VAL C 26 11.75 11.84 13.00
N GLY C 27 10.67 12.09 13.75
CA GLY C 27 9.60 12.97 13.31
C GLY C 27 9.57 14.21 14.20
N TYR C 28 9.60 15.37 13.56
CA TYR C 28 9.73 16.64 14.26
C TYR C 28 8.56 17.56 13.90
N VAL C 29 7.83 18.00 14.92
CA VAL C 29 6.98 19.18 14.79
C VAL C 29 7.91 20.38 14.95
N ASP C 30 7.41 21.58 14.66
CA ASP C 30 8.23 22.80 14.58
C ASP C 30 9.42 22.79 15.55
N ASP C 31 9.18 22.61 16.85
CA ASP C 31 10.29 22.51 17.79
C ASP C 31 10.06 21.45 18.86
N THR C 32 9.32 20.39 18.54
CA THR C 32 9.04 19.32 19.50
C THR C 32 9.03 17.98 18.77
N GLN C 33 9.88 17.06 19.21
CA GLN C 33 9.96 15.74 18.62
C GLN C 33 8.87 14.83 19.18
N PHE C 34 8.28 14.02 18.32
CA PHE C 34 7.15 13.23 18.79
C PHE C 34 7.25 11.75 18.40
N VAL C 35 7.97 11.43 17.32
CA VAL C 35 8.14 10.04 16.90
C VAL C 35 9.59 9.80 16.48
N ARG C 36 9.99 8.53 16.56
CA ARG C 36 11.35 8.12 16.20
C ARG C 36 11.32 6.68 15.70
N PHE C 37 12.42 6.29 15.06
CA PHE C 37 12.60 4.91 14.60
C PHE C 37 14.09 4.62 14.51
N ASP C 38 14.58 3.73 15.37
CA ASP C 38 15.97 3.29 15.34
C ASP C 38 16.02 1.85 14.83
N SER C 39 16.86 1.61 13.84
CA SER C 39 16.87 0.31 13.16
C SER C 39 17.39 -0.79 14.07
N ASP C 40 18.38 -0.49 14.91
CA ASP C 40 18.99 -1.51 15.74
C ASP C 40 18.20 -1.83 17.01
N ALA C 41 17.10 -1.12 17.27
CA ALA C 41 16.22 -1.48 18.36
C ALA C 41 15.43 -2.74 18.01
N ALA C 42 15.01 -3.46 19.06
CA ALA C 42 14.33 -4.73 18.87
C ALA C 42 12.83 -4.57 18.55
N SER C 43 12.24 -3.42 18.88
CA SER C 43 10.81 -3.25 18.63
C SER C 43 10.50 -3.22 17.14
N GLN C 44 11.36 -2.58 16.34
CA GLN C 44 11.21 -2.51 14.89
C GLN C 44 9.88 -1.86 14.48
N ARG C 45 9.38 -0.94 15.29
CA ARG C 45 8.18 -0.19 14.96
C ARG C 45 8.38 1.28 15.33
N MET C 46 7.64 2.15 14.67
CA MET C 46 7.69 3.58 14.94
C MET C 46 7.21 3.87 16.36
N GLU C 47 8.12 4.30 17.24
CA GLU C 47 7.74 4.54 18.62
C GLU C 47 7.45 6.01 18.84
N PRO C 48 6.38 6.33 19.58
CA PRO C 48 6.09 7.73 19.89
C PRO C 48 7.05 8.28 20.95
N ARG C 49 7.17 9.61 20.94
CA ARG C 49 7.97 10.31 21.94
C ARG C 49 7.24 11.52 22.52
N ALA C 50 5.94 11.65 22.25
CA ALA C 50 5.12 12.72 22.80
C ALA C 50 3.83 12.13 23.35
N PRO C 51 3.27 12.72 24.40
CA PRO C 51 2.04 12.16 24.99
C PRO C 51 0.83 12.28 24.08
N TRP C 52 0.62 13.46 23.49
CA TRP C 52 -0.60 13.71 22.73
C TRP C 52 -0.68 12.89 21.45
N ILE C 53 0.44 12.34 20.97
CA ILE C 53 0.40 11.54 19.73
C ILE C 53 -0.01 10.10 19.98
N GLU C 54 -0.15 9.70 21.23
CA GLU C 54 -0.58 8.35 21.58
C GLU C 54 -2.06 8.11 21.35
N GLN C 55 -2.82 9.16 21.00
CA GLN C 55 -4.24 8.97 20.72
C GLN C 55 -4.46 8.17 19.44
N GLU C 56 -3.54 8.27 18.48
CA GLU C 56 -3.71 7.59 17.20
C GLU C 56 -3.78 6.08 17.40
N GLY C 57 -4.76 5.46 16.72
CA GLY C 57 -5.04 4.07 16.95
C GLY C 57 -3.97 3.16 16.38
N PRO C 58 -4.15 1.85 16.57
CA PRO C 58 -3.16 0.89 16.08
C PRO C 58 -2.97 0.91 14.58
N GLU C 59 -3.97 1.38 13.82
CA GLU C 59 -3.78 1.53 12.38
C GLU C 59 -2.68 2.54 12.07
N TYR C 60 -2.63 3.63 12.84
CA TYR C 60 -1.60 4.65 12.63
C TYR C 60 -0.20 4.05 12.78
N TRP C 61 0.05 3.34 13.88
CA TRP C 61 1.36 2.74 14.08
C TRP C 61 1.64 1.66 13.05
N ASP C 62 0.62 0.84 12.72
CA ASP C 62 0.79 -0.16 11.69
C ASP C 62 1.08 0.47 10.33
N GLU C 63 0.52 1.64 10.06
CA GLU C 63 0.82 2.33 8.80
C GLU C 63 2.20 2.98 8.84
N GLU C 64 2.49 3.75 9.89
CA GLU C 64 3.77 4.44 9.96
C GLU C 64 4.94 3.48 10.06
N THR C 65 4.73 2.32 10.68
CA THR C 65 5.79 1.31 10.74
C THR C 65 6.14 0.79 9.36
N GLY C 66 5.13 0.42 8.57
CA GLY C 66 5.39 -0.12 7.25
C GLY C 66 5.99 0.90 6.30
N LYS C 67 5.56 2.16 6.41
CA LYS C 67 6.04 3.18 5.49
C LYS C 67 7.51 3.49 5.71
N VAL C 68 7.97 3.47 6.96
CA VAL C 68 9.36 3.80 7.24
C VAL C 68 10.28 2.59 7.11
N LYS C 69 9.78 1.37 7.40
CA LYS C 69 10.59 0.19 7.16
C LYS C 69 10.88 0.00 5.68
N ALA C 70 9.93 0.40 4.82
CA ALA C 70 10.22 0.46 3.39
C ALA C 70 11.31 1.49 3.11
N HIS C 71 11.25 2.64 3.78
CA HIS C 71 12.26 3.67 3.57
C HIS C 71 13.64 3.21 4.01
N SER C 72 13.72 2.34 5.03
CA SER C 72 15.01 1.79 5.43
C SER C 72 15.61 0.94 4.32
N GLN C 73 14.80 0.03 3.76
CA GLN C 73 15.28 -0.79 2.65
C GLN C 73 15.40 0.01 1.37
N THR C 74 14.55 1.03 1.20
CA THR C 74 14.67 1.89 0.02
C THR C 74 15.94 2.73 0.07
N ASP C 75 16.40 3.08 1.27
CA ASP C 75 17.67 3.80 1.42
C ASP C 75 18.86 2.87 1.56
N ARG C 76 18.66 1.66 2.09
CA ARG C 76 19.75 0.69 2.17
C ARG C 76 20.22 0.30 0.77
N GLU C 77 19.29 -0.10 -0.09
CA GLU C 77 19.65 -0.37 -1.49
C GLU C 77 20.07 0.89 -2.22
N ASN C 78 19.62 2.06 -1.76
CA ASN C 78 20.00 3.32 -2.39
C ASN C 78 21.49 3.57 -2.27
N LEU C 79 22.08 3.25 -1.11
CA LEU C 79 23.51 3.46 -0.93
C LEU C 79 24.32 2.61 -1.90
N ARG C 80 23.89 1.36 -2.11
CA ARG C 80 24.58 0.50 -3.06
C ARG C 80 24.55 1.06 -4.49
N ILE C 81 23.59 1.93 -4.78
CA ILE C 81 23.61 2.65 -6.06
C ILE C 81 24.58 3.83 -6.00
N ALA C 82 24.59 4.54 -4.87
CA ALA C 82 25.45 5.71 -4.74
C ALA C 82 26.93 5.34 -4.82
N LEU C 83 27.30 4.18 -4.28
CA LEU C 83 28.68 3.73 -4.39
C LEU C 83 29.06 3.51 -5.86
N ARG C 84 28.11 3.04 -6.67
CA ARG C 84 28.37 2.89 -8.10
C ARG C 84 28.42 4.25 -8.80
N TYR C 85 27.59 5.20 -8.36
CA TYR C 85 27.56 6.52 -9.00
C TYR C 85 28.88 7.26 -8.81
N TYR C 86 29.40 7.27 -7.59
CA TYR C 86 30.63 8.00 -7.29
C TYR C 86 31.88 7.14 -7.41
N ASN C 87 31.74 5.88 -7.81
CA ASN C 87 32.87 4.98 -8.02
C ASN C 87 33.71 4.85 -6.75
N GLN C 88 33.04 4.65 -5.62
CA GLN C 88 33.70 4.47 -4.35
C GLN C 88 33.96 3.00 -4.08
N SER C 89 34.72 2.72 -3.03
CA SER C 89 34.98 1.35 -2.63
C SER C 89 33.78 0.79 -1.87
N GLU C 90 33.45 -0.47 -2.15
CA GLU C 90 32.36 -1.12 -1.44
C GLU C 90 32.69 -1.36 0.03
N ALA C 91 33.95 -1.22 0.42
CA ALA C 91 34.37 -1.35 1.80
C ALA C 91 34.44 0.00 2.52
N GLY C 92 33.95 1.07 1.88
CA GLY C 92 33.96 2.38 2.50
C GLY C 92 32.67 2.68 3.25
N SER C 93 32.76 3.63 4.18
CA SER C 93 31.65 4.03 5.03
C SER C 93 31.16 5.41 4.60
N HIS C 94 29.84 5.55 4.46
CA HIS C 94 29.25 6.80 4.02
C HIS C 94 27.90 6.98 4.71
N THR C 95 27.39 8.21 4.64
CA THR C 95 26.18 8.60 5.36
C THR C 95 25.17 9.21 4.40
N LEU C 96 23.91 8.82 4.55
CA LEU C 96 22.80 9.33 3.75
C LEU C 96 21.83 10.07 4.65
N GLN C 97 21.39 11.26 4.22
CA GLN C 97 20.52 12.12 5.00
C GLN C 97 19.35 12.59 4.14
N MET C 98 18.22 12.84 4.80
CA MET C 98 17.00 13.25 4.10
C MET C 98 16.16 14.13 5.02
N MET C 99 15.45 15.08 4.41
CA MET C 99 14.58 15.98 5.16
C MET C 99 13.54 16.55 4.22
N PHE C 100 12.28 16.56 4.66
CA PHE C 100 11.23 17.26 3.93
C PHE C 100 9.98 17.36 4.79
N GLY C 101 9.37 18.55 4.79
CA GLY C 101 8.20 18.81 5.59
C GLY C 101 7.44 20.00 5.04
N CYS C 102 6.48 20.48 5.83
CA CYS C 102 5.60 21.55 5.39
C CYS C 102 5.41 22.56 6.51
N ASP C 103 5.35 23.83 6.15
CA ASP C 103 5.09 24.94 7.06
C ASP C 103 3.72 25.54 6.76
N VAL C 104 3.02 25.97 7.80
CA VAL C 104 1.68 26.53 7.67
C VAL C 104 1.66 27.91 8.34
N GLY C 105 0.58 28.64 8.06
CA GLY C 105 0.38 29.99 8.57
C GLY C 105 -0.41 30.01 9.87
N SER C 106 -1.15 31.12 10.07
CA SER C 106 -1.87 31.31 11.32
C SER C 106 -3.14 30.47 11.37
N ASP C 107 -3.97 30.53 10.33
CA ASP C 107 -5.25 29.85 10.29
C ASP C 107 -5.20 28.57 9.45
N GLY C 108 -4.08 27.85 9.50
CA GLY C 108 -3.95 26.59 8.79
C GLY C 108 -3.60 26.71 7.32
N ARG C 109 -3.30 27.91 6.84
CA ARG C 109 -2.94 28.10 5.44
C ARG C 109 -1.58 27.50 5.15
N PHE C 110 -1.49 26.79 4.02
CA PHE C 110 -0.19 26.31 3.55
C PHE C 110 0.73 27.49 3.24
N LEU C 111 1.97 27.40 3.69
CA LEU C 111 2.94 28.47 3.50
C LEU C 111 4.08 28.07 2.56
N ARG C 112 4.82 27.02 2.89
CA ARG C 112 6.02 26.66 2.14
C ARG C 112 6.17 25.15 2.11
N GLY C 113 6.99 24.69 1.16
CA GLY C 113 7.29 23.28 1.02
C GLY C 113 8.78 23.02 0.89
N TYR C 114 9.29 22.04 1.63
CA TYR C 114 10.71 21.72 1.66
C TYR C 114 10.92 20.27 1.28
N HIS C 115 12.00 20.00 0.55
CA HIS C 115 12.45 18.63 0.30
C HIS C 115 13.90 18.67 -0.13
N GLN C 116 14.79 18.11 0.68
CA GLN C 116 16.22 18.12 0.42
C GLN C 116 16.85 16.82 0.90
N TYR C 117 17.69 16.22 0.06
CA TYR C 117 18.50 15.08 0.42
C TYR C 117 19.93 15.52 0.69
N ALA C 118 20.77 14.58 1.13
CA ALA C 118 22.17 14.86 1.37
C ALA C 118 22.96 13.57 1.36
N TYR C 119 24.20 13.65 0.90
CA TYR C 119 25.12 12.51 0.86
C TYR C 119 26.45 12.96 1.46
N ASP C 120 26.80 12.40 2.61
CA ASP C 120 28.05 12.69 3.32
C ASP C 120 28.21 14.19 3.56
N GLY C 121 27.14 14.81 4.04
CA GLY C 121 27.17 16.21 4.41
C GLY C 121 27.04 17.19 3.27
N LYS C 122 26.87 16.72 2.04
CA LYS C 122 26.72 17.59 0.88
C LYS C 122 25.37 17.31 0.22
N ASP C 123 24.77 18.37 -0.31
CA ASP C 123 23.47 18.24 -0.97
C ASP C 123 23.59 17.35 -2.21
N TYR C 124 22.55 16.56 -2.44
CA TYR C 124 22.48 15.69 -3.61
C TYR C 124 21.38 16.13 -4.57
N ILE C 125 20.14 16.20 -4.09
CA ILE C 125 19.01 16.62 -4.91
C ILE C 125 18.02 17.34 -4.01
N ALA C 126 17.42 18.42 -4.53
CA ALA C 126 16.50 19.23 -3.76
C ALA C 126 15.32 19.62 -4.62
N LEU C 127 14.11 19.46 -4.08
CA LEU C 127 12.91 19.91 -4.76
C LEU C 127 12.86 21.43 -4.75
N LYS C 128 12.56 22.03 -5.90
CA LYS C 128 12.52 23.48 -6.00
C LYS C 128 11.34 24.04 -5.21
N GLU C 129 11.32 25.37 -5.09
CA GLU C 129 10.23 26.03 -4.37
C GLU C 129 8.89 25.81 -5.05
N ASP C 130 8.89 25.68 -6.38
CA ASP C 130 7.65 25.44 -7.11
C ASP C 130 7.08 24.05 -6.83
N LEU C 131 7.87 23.15 -6.27
CA LEU C 131 7.49 21.77 -5.93
C LEU C 131 7.17 20.94 -7.16
N ARG C 132 7.44 21.45 -8.36
CA ARG C 132 7.20 20.72 -9.61
C ARG C 132 8.47 20.56 -10.43
N SER C 133 9.63 20.73 -9.81
CA SER C 133 10.91 20.56 -10.48
C SER C 133 11.97 20.24 -9.43
N TRP C 134 13.17 19.93 -9.90
CA TRP C 134 14.25 19.49 -9.03
C TRP C 134 15.51 20.31 -9.27
N THR C 135 16.53 20.05 -8.46
CA THR C 135 17.82 20.71 -8.60
C THR C 135 18.89 19.74 -8.13
N ALA C 136 19.54 19.07 -9.09
CA ALA C 136 20.63 18.16 -8.78
C ALA C 136 21.92 18.92 -8.55
N ALA C 137 22.72 18.47 -7.57
CA ALA C 137 23.94 19.16 -7.22
C ALA C 137 25.08 18.86 -8.19
N ASP C 138 25.38 17.57 -8.38
CA ASP C 138 26.51 17.15 -9.20
C ASP C 138 26.01 16.29 -10.37
N MET C 139 26.95 15.89 -11.23
CA MET C 139 26.61 15.07 -12.39
C MET C 139 26.10 13.70 -11.98
N ALA C 140 26.58 13.17 -10.85
CA ALA C 140 26.05 11.89 -10.37
C ALA C 140 24.59 12.03 -9.95
N ALA C 141 24.22 13.18 -9.39
CA ALA C 141 22.83 13.42 -9.01
C ALA C 141 21.95 13.66 -10.23
N GLN C 142 22.53 14.19 -11.32
CA GLN C 142 21.76 14.41 -12.53
C GLN C 142 21.26 13.11 -13.15
N ILE C 143 21.90 11.98 -12.83
CA ILE C 143 21.37 10.69 -13.26
C ILE C 143 20.06 10.39 -12.55
N THR C 144 20.07 10.42 -11.22
CA THR C 144 18.84 10.21 -10.46
C THR C 144 17.82 11.29 -10.74
N LYS C 145 18.29 12.53 -10.95
CA LYS C 145 17.37 13.61 -11.33
C LYS C 145 16.63 13.28 -12.61
N ARG C 146 17.34 12.70 -13.60
CA ARG C 146 16.68 12.26 -14.81
C ARG C 146 15.68 11.14 -14.52
N LYS C 147 16.02 10.22 -13.66
CA LYS C 147 15.02 9.24 -13.43
C LYS C 147 13.87 10.00 -12.88
N TRP C 148 14.04 10.47 -11.68
CA TRP C 148 12.87 11.03 -11.02
C TRP C 148 12.09 11.99 -11.89
N GLU C 149 12.60 12.34 -13.07
CA GLU C 149 11.83 13.08 -14.05
C GLU C 149 11.11 12.16 -15.04
N ALA C 150 11.65 10.97 -15.28
CA ALA C 150 10.93 9.99 -16.09
C ALA C 150 9.61 9.62 -15.43
N ALA C 151 9.64 9.34 -14.13
CA ALA C 151 8.43 9.25 -13.34
C ALA C 151 8.02 10.66 -12.87
N HIS C 152 6.76 10.79 -12.50
CA HIS C 152 6.21 12.09 -12.12
C HIS C 152 6.27 12.28 -10.60
N VAL C 153 7.50 12.25 -10.08
CA VAL C 153 7.73 12.32 -8.65
C VAL C 153 7.31 13.67 -8.09
N ALA C 154 7.43 14.74 -8.88
CA ALA C 154 7.16 16.08 -8.38
C ALA C 154 5.71 16.22 -7.91
N GLU C 155 4.75 15.96 -8.80
CA GLU C 155 3.34 16.15 -8.47
C GLU C 155 2.83 15.15 -7.45
N GLN C 156 3.59 14.11 -7.13
CA GLN C 156 3.26 13.26 -6.00
C GLN C 156 3.75 13.89 -4.70
N GLN C 157 5.01 14.31 -4.67
CA GLN C 157 5.54 14.99 -3.49
C GLN C 157 4.93 16.38 -3.33
N ARG C 158 4.62 17.05 -4.44
CA ARG C 158 3.93 18.33 -4.37
C ARG C 158 2.54 18.19 -3.77
N ALA C 159 1.77 17.20 -4.25
CA ALA C 159 0.46 16.94 -3.68
C ALA C 159 0.54 16.42 -2.25
N TYR C 160 1.71 15.93 -1.82
CA TYR C 160 1.87 15.47 -0.45
C TYR C 160 2.24 16.63 0.46
N LEU C 161 3.19 17.47 0.04
CA LEU C 161 3.60 18.61 0.85
C LEU C 161 2.46 19.60 1.05
N GLU C 162 1.58 19.74 0.05
CA GLU C 162 0.39 20.56 0.19
C GLU C 162 -0.77 19.80 0.80
N GLY C 163 -0.72 18.47 0.83
CA GLY C 163 -1.85 17.67 1.26
C GLY C 163 -1.67 16.99 2.59
N THR C 164 -1.35 15.69 2.54
CA THR C 164 -1.30 14.87 3.76
C THR C 164 -0.28 15.38 4.77
N CYS C 165 0.74 16.13 4.33
CA CYS C 165 1.62 16.79 5.29
C CYS C 165 0.85 17.88 6.04
N VAL C 166 0.13 18.73 5.31
CA VAL C 166 -0.65 19.79 5.94
C VAL C 166 -1.93 19.22 6.55
N ASP C 167 -2.64 18.37 5.80
CA ASP C 167 -3.92 17.84 6.27
C ASP C 167 -3.75 17.05 7.56
N GLY C 168 -2.63 16.34 7.71
CA GLY C 168 -2.36 15.67 8.97
C GLY C 168 -1.75 16.54 10.05
N LEU C 169 -1.29 17.74 9.71
CA LEU C 169 -0.63 18.60 10.68
C LEU C 169 -1.62 19.15 11.70
N ARG C 170 -2.76 19.66 11.22
CA ARG C 170 -3.75 20.23 12.13
C ARG C 170 -4.32 19.18 13.07
N ARG C 171 -4.38 17.93 12.62
CA ARG C 171 -4.77 16.84 13.52
C ARG C 171 -3.78 16.69 14.66
N TYR C 172 -2.48 16.85 14.36
CA TYR C 172 -1.48 16.79 15.41
C TYR C 172 -1.60 17.98 16.37
N LEU C 173 -1.79 19.19 15.82
CA LEU C 173 -1.85 20.38 16.67
C LEU C 173 -3.11 20.37 17.53
N GLU C 174 -4.27 20.12 16.91
CA GLU C 174 -5.52 20.16 17.65
C GLU C 174 -5.64 19.02 18.65
N ASN C 175 -4.92 17.92 18.44
CA ASN C 175 -4.82 16.91 19.49
C ASN C 175 -4.06 17.44 20.69
N GLY C 176 -3.01 18.22 20.46
CA GLY C 176 -2.13 18.65 21.52
C GLY C 176 -1.97 20.15 21.66
N LYS C 177 -3.07 20.90 21.49
CA LYS C 177 -2.99 22.36 21.61
C LYS C 177 -2.54 22.78 23.01
N GLU C 178 -2.63 21.87 23.98
CA GLU C 178 -2.18 22.18 25.34
C GLU C 178 -0.67 22.41 25.41
N THR C 179 0.10 21.71 24.57
CA THR C 179 1.56 21.74 24.68
C THR C 179 2.27 22.47 23.56
N LEU C 180 1.73 22.46 22.34
CA LEU C 180 2.44 23.02 21.20
C LEU C 180 2.14 24.51 21.00
N GLN C 181 0.86 24.86 20.85
CA GLN C 181 0.48 26.21 20.43
C GLN C 181 0.80 27.27 21.47
N ARG C 182 1.12 26.89 22.70
CA ARG C 182 1.43 27.83 23.76
C ARG C 182 2.93 28.04 23.88
N THR C 183 3.33 29.25 24.23
CA THR C 183 4.73 29.65 24.32
C THR C 183 5.06 30.02 25.75
N ASP C 184 6.14 29.44 26.28
CA ASP C 184 6.61 29.76 27.62
C ASP C 184 7.68 30.83 27.56
N PRO C 185 7.49 31.99 28.17
CA PRO C 185 8.53 33.04 28.13
C PRO C 185 9.72 32.65 28.98
N PRO C 186 10.89 33.24 28.72
CA PRO C 186 12.09 32.85 29.45
C PRO C 186 12.11 33.37 30.88
N LYS C 187 12.92 32.71 31.70
CA LYS C 187 13.27 33.18 33.04
C LYS C 187 14.62 33.86 32.95
N THR C 188 14.65 35.16 33.23
CA THR C 188 15.82 35.99 32.98
C THR C 188 16.45 36.48 34.27
N HIS C 189 17.78 36.41 34.34
CA HIS C 189 18.53 36.97 35.45
C HIS C 189 19.96 37.18 34.98
N MET C 190 20.74 37.89 35.80
CA MET C 190 22.12 38.22 35.46
C MET C 190 23.05 37.75 36.58
N THR C 191 24.26 37.38 36.19
CA THR C 191 25.30 36.94 37.11
C THR C 191 26.48 37.91 37.07
N HIS C 192 27.49 37.62 37.89
CA HIS C 192 28.64 38.51 38.03
C HIS C 192 29.85 37.68 38.41
N HIS C 193 30.91 37.75 37.61
CA HIS C 193 32.09 36.91 37.86
C HIS C 193 33.38 37.67 37.59
N PRO C 194 34.20 37.90 38.61
CA PRO C 194 35.49 38.56 38.41
C PRO C 194 36.60 37.59 38.08
N ILE C 195 37.65 38.11 37.43
CA ILE C 195 38.86 37.34 37.17
C ILE C 195 40.12 38.02 37.67
N SER C 196 40.13 39.34 37.87
CA SER C 196 41.31 40.05 38.35
C SER C 196 40.86 41.11 39.35
N ASP C 197 41.77 42.04 39.66
CA ASP C 197 41.47 43.08 40.63
C ASP C 197 40.46 44.08 40.08
N HIS C 198 40.57 44.42 38.79
CA HIS C 198 39.70 45.44 38.20
C HIS C 198 39.16 45.04 36.84
N GLU C 199 39.03 43.73 36.57
CA GLU C 199 38.42 43.26 35.34
C GLU C 199 37.56 42.05 35.67
N ALA C 200 36.32 42.05 35.18
CA ALA C 200 35.35 41.02 35.51
C ALA C 200 34.63 40.57 34.25
N THR C 201 33.90 39.47 34.36
CA THR C 201 33.10 38.92 33.29
C THR C 201 31.62 39.04 33.65
N LEU C 202 30.84 39.67 32.78
CA LEU C 202 29.41 39.82 32.95
C LEU C 202 28.70 38.89 31.98
N ARG C 203 27.84 38.01 32.51
CA ARG C 203 27.12 37.03 31.71
C ARG C 203 25.62 37.22 31.95
N CYS C 204 24.88 37.39 30.87
CA CYS C 204 23.43 37.55 30.93
C CYS C 204 22.76 36.21 30.72
N TRP C 205 21.86 35.83 31.62
CA TRP C 205 21.24 34.52 31.61
C TRP C 205 19.77 34.62 31.25
N ALA C 206 19.29 33.64 30.48
CA ALA C 206 17.87 33.53 30.15
C ALA C 206 17.56 32.04 30.00
N LEU C 207 16.70 31.53 30.88
CA LEU C 207 16.44 30.10 30.96
C LEU C 207 14.95 29.82 30.82
N GLY C 208 14.64 28.60 30.36
CA GLY C 208 13.27 28.13 30.30
C GLY C 208 12.36 28.91 29.37
N PHE C 209 12.63 28.86 28.08
CA PHE C 209 11.76 29.50 27.09
C PHE C 209 11.46 28.52 25.96
N TYR C 210 10.40 28.83 25.21
CA TYR C 210 9.94 27.96 24.13
C TYR C 210 9.09 28.77 23.17
N PRO C 211 9.39 28.78 21.86
CA PRO C 211 10.50 28.05 21.22
C PRO C 211 11.85 28.76 21.32
N ALA C 212 12.80 28.37 20.47
CA ALA C 212 14.20 28.74 20.62
C ALA C 212 14.58 30.07 19.99
N GLU C 213 13.70 30.67 19.18
CA GLU C 213 14.05 31.93 18.52
C GLU C 213 14.08 33.04 19.56
N ILE C 214 15.27 33.58 19.82
CA ILE C 214 15.45 34.62 20.83
C ILE C 214 16.69 35.42 20.46
N THR C 215 16.67 36.72 20.75
CA THR C 215 17.75 37.62 20.41
C THR C 215 18.28 38.28 21.69
N LEU C 216 19.59 38.23 21.88
CA LEU C 216 20.28 38.87 22.99
C LEU C 216 21.32 39.82 22.46
N THR C 217 21.38 41.02 23.06
CA THR C 217 22.32 42.04 22.62
C THR C 217 22.82 42.83 23.83
N TRP C 218 24.14 42.94 23.96
CA TRP C 218 24.75 43.76 25.01
C TRP C 218 25.05 45.14 24.43
N GLN C 219 24.46 46.17 25.03
CA GLN C 219 24.61 47.54 24.56
C GLN C 219 25.32 48.39 25.60
N ARG C 220 26.15 49.31 25.13
CA ARG C 220 26.88 50.23 26.01
C ARG C 220 26.49 51.66 25.63
N ASP C 221 25.73 52.31 26.51
CA ASP C 221 25.32 53.71 26.33
C ASP C 221 24.60 53.92 24.99
N GLY C 222 23.67 53.01 24.69
CA GLY C 222 22.93 53.08 23.45
C GLY C 222 23.69 52.60 22.22
N GLU C 223 24.90 52.06 22.41
CA GLU C 223 25.70 51.52 21.31
C GLU C 223 25.95 50.05 21.60
N ASP C 224 25.58 49.20 20.63
CA ASP C 224 25.71 47.76 20.82
C ASP C 224 27.19 47.35 20.79
N GLN C 225 27.43 46.08 21.11
CA GLN C 225 28.79 45.60 21.22
C GLN C 225 28.86 44.14 20.79
N THR C 226 29.81 43.83 19.91
CA THR C 226 30.15 42.46 19.55
C THR C 226 31.59 42.10 19.90
N GLN C 227 32.49 43.08 19.92
CA GLN C 227 33.86 42.84 20.38
C GLN C 227 33.86 42.47 21.85
N ASP C 228 34.69 41.48 22.21
CA ASP C 228 34.78 40.96 23.58
C ASP C 228 33.43 40.44 24.08
N THR C 229 32.63 39.87 23.18
CA THR C 229 31.35 39.28 23.53
C THR C 229 31.31 37.84 23.05
N GLU C 230 30.91 36.93 23.94
CA GLU C 230 30.73 35.52 23.59
C GLU C 230 29.25 35.19 23.72
N LEU C 231 28.67 34.66 22.64
CA LEU C 231 27.26 34.27 22.63
C LEU C 231 27.17 32.83 22.17
N VAL C 232 26.85 31.92 23.11
CA VAL C 232 26.74 30.51 22.77
C VAL C 232 25.41 30.24 22.09
N GLU C 233 25.38 29.17 21.31
CA GLU C 233 24.18 28.77 20.60
C GLU C 233 23.11 28.28 21.58
N THR C 234 21.87 28.27 21.12
CA THR C 234 20.76 27.83 21.95
C THR C 234 20.95 26.36 22.34
N ARG C 235 20.68 26.05 23.61
CA ARG C 235 20.82 24.71 24.10
C ARG C 235 19.52 24.24 24.75
N PRO C 236 19.16 22.97 24.57
CA PRO C 236 17.90 22.47 25.11
C PRO C 236 18.04 21.98 26.55
N ALA C 237 16.90 22.01 27.26
CA ALA C 237 16.86 21.55 28.63
C ALA C 237 16.46 20.09 28.77
N GLY C 238 15.82 19.52 27.75
CA GLY C 238 15.35 18.14 27.79
C GLY C 238 13.91 17.98 28.19
N ASP C 239 13.27 19.03 28.73
CA ASP C 239 11.87 18.97 29.11
C ASP C 239 10.96 19.69 28.13
N GLY C 240 11.51 20.48 27.21
CA GLY C 240 10.70 21.26 26.29
C GLY C 240 11.01 22.74 26.36
N THR C 241 12.15 23.10 26.94
CA THR C 241 12.58 24.48 27.06
C THR C 241 14.02 24.60 26.60
N PHE C 242 14.48 25.84 26.42
CA PHE C 242 15.80 26.12 25.88
C PHE C 242 16.50 27.17 26.73
N GLN C 243 17.82 27.26 26.53
CA GLN C 243 18.68 28.14 27.31
C GLN C 243 19.66 28.84 26.39
N LYS C 244 20.15 30.00 26.85
CA LYS C 244 21.14 30.77 26.12
C LYS C 244 21.70 31.85 27.03
N TRP C 245 23.01 32.06 26.97
CA TRP C 245 23.66 33.11 27.73
C TRP C 245 24.50 33.99 26.82
N ALA C 246 24.69 35.24 27.23
CA ALA C 246 25.54 36.20 26.54
C ALA C 246 26.57 36.73 27.51
N ALA C 247 27.84 36.71 27.10
CA ALA C 247 28.94 37.10 27.97
C ALA C 247 29.62 38.37 27.45
N VAL C 248 30.12 39.18 28.38
CA VAL C 248 30.87 40.39 28.05
C VAL C 248 31.80 40.70 29.20
N VAL C 249 33.07 40.98 28.88
CA VAL C 249 34.09 41.26 29.89
C VAL C 249 34.23 42.77 30.01
N VAL C 250 34.09 43.28 31.23
CA VAL C 250 34.16 44.72 31.47
C VAL C 250 35.18 44.99 32.58
N PRO C 251 35.87 46.13 32.54
CA PRO C 251 36.68 46.53 33.69
C PRO C 251 35.79 47.01 34.84
N SER C 252 36.36 46.97 36.04
CA SER C 252 35.62 47.36 37.23
C SER C 252 35.29 48.86 37.20
N GLY C 253 34.15 49.19 37.80
CA GLY C 253 33.68 50.57 37.84
C GLY C 253 32.81 50.98 36.68
N GLU C 254 32.67 50.13 35.66
CA GLU C 254 31.87 50.44 34.48
C GLU C 254 30.71 49.46 34.32
N GLU C 255 30.35 48.73 35.37
CA GLU C 255 29.35 47.67 35.24
C GLU C 255 27.94 48.25 35.10
N GLN C 256 27.63 49.31 35.83
CA GLN C 256 26.26 49.81 35.87
C GLN C 256 25.80 50.37 34.54
N ARG C 257 26.72 50.69 33.64
CA ARG C 257 26.36 51.26 32.35
C ARG C 257 25.99 50.20 31.31
N TYR C 258 26.42 48.96 31.51
CA TYR C 258 26.14 47.89 30.56
C TYR C 258 24.70 47.41 30.71
N THR C 259 24.03 47.20 29.58
CA THR C 259 22.64 46.80 29.55
C THR C 259 22.48 45.53 28.74
N CYS C 260 21.73 44.57 29.29
CA CYS C 260 21.37 43.35 28.58
C CYS C 260 19.90 43.44 28.17
N HIS C 261 19.62 43.11 26.91
CA HIS C 261 18.28 43.18 26.37
C HIS C 261 17.88 41.83 25.79
N VAL C 262 16.65 41.41 26.07
CA VAL C 262 16.12 40.13 25.63
C VAL C 262 14.89 40.40 24.76
N GLN C 263 14.92 39.87 23.54
CA GLN C 263 13.77 39.94 22.63
C GLN C 263 13.28 38.53 22.36
N HIS C 264 12.00 38.27 22.61
CA HIS C 264 11.43 36.96 22.40
C HIS C 264 9.95 37.10 22.07
N GLU C 265 9.42 36.08 21.37
CA GLU C 265 8.02 36.08 20.98
C GLU C 265 7.10 36.03 22.21
N GLY C 266 7.43 35.20 23.19
CA GLY C 266 6.60 35.05 24.37
C GLY C 266 6.51 36.26 25.25
N LEU C 267 7.40 37.24 25.06
CA LEU C 267 7.40 38.46 25.85
C LEU C 267 6.70 39.56 25.06
N PRO C 268 5.58 40.09 25.55
CA PRO C 268 4.95 41.23 24.85
C PRO C 268 5.85 42.45 24.77
N LYS C 269 6.78 42.61 25.71
CA LYS C 269 7.69 43.74 25.71
C LYS C 269 9.14 43.25 25.76
N PRO C 270 10.03 43.81 24.95
CA PRO C 270 11.44 43.41 25.02
C PRO C 270 12.05 43.83 26.35
N LEU C 271 12.67 42.87 27.04
CA LEU C 271 13.20 43.13 28.36
C LEU C 271 14.46 43.98 28.29
N THR C 272 14.67 44.79 29.33
CA THR C 272 15.86 45.62 29.46
C THR C 272 16.44 45.37 30.85
N LEU C 273 17.63 44.79 30.89
CA LEU C 273 18.26 44.38 32.15
C LEU C 273 19.50 45.24 32.40
N ARG C 274 19.62 45.76 33.62
CA ARG C 274 20.78 46.53 34.04
C ARG C 274 21.22 46.00 35.41
N TRP C 275 22.52 45.77 35.55
CA TRP C 275 23.07 45.27 36.81
C TRP C 275 23.05 46.36 37.89
N ILE D 2 33.49 15.12 3.87
CA ILE D 2 34.06 16.18 4.68
C ILE D 2 33.76 15.92 6.16
N GLN D 3 34.28 16.77 7.03
CA GLN D 3 34.15 16.59 8.47
C GLN D 3 33.79 17.92 9.13
N ARG D 4 33.19 17.82 10.31
CA ARG D 4 32.87 18.98 11.13
C ARG D 4 33.33 18.73 12.56
N THR D 5 33.67 19.81 13.26
CA THR D 5 34.13 19.73 14.64
C THR D 5 32.95 19.95 15.58
N PRO D 6 32.65 19.01 16.47
CA PRO D 6 31.50 19.18 17.37
C PRO D 6 31.69 20.33 18.35
N LYS D 7 30.59 21.01 18.65
CA LYS D 7 30.55 22.01 19.72
C LYS D 7 29.90 21.38 20.94
N ILE D 8 30.55 21.52 22.09
CA ILE D 8 30.13 20.82 23.31
C ILE D 8 29.75 21.85 24.37
N GLN D 9 28.64 21.60 25.05
CA GLN D 9 28.21 22.41 26.17
C GLN D 9 27.78 21.52 27.33
N VAL D 10 28.07 21.96 28.55
CA VAL D 10 27.71 21.24 29.76
C VAL D 10 26.95 22.20 30.67
N TYR D 11 25.79 21.77 31.15
CA TYR D 11 24.87 22.67 31.84
C TYR D 11 23.82 21.84 32.56
N SER D 12 22.94 22.54 33.29
CA SER D 12 21.89 21.92 34.09
C SER D 12 20.52 22.35 33.59
N ARG D 13 19.52 21.51 33.84
CA ARG D 13 18.15 21.84 33.46
C ARG D 13 17.61 22.98 34.33
N HIS D 14 17.89 22.95 35.63
CA HIS D 14 17.47 23.96 36.59
C HIS D 14 18.70 24.62 37.21
N PRO D 15 18.54 25.81 37.81
CA PRO D 15 19.66 26.42 38.53
C PRO D 15 20.16 25.52 39.65
N ALA D 16 21.44 25.70 39.98
CA ALA D 16 22.10 24.79 40.91
C ALA D 16 21.56 24.95 42.32
N GLU D 17 21.03 23.85 42.87
CA GLU D 17 20.60 23.79 44.27
C GLU D 17 21.08 22.46 44.84
N ASN D 18 21.99 22.52 45.81
CA ASN D 18 22.58 21.31 46.37
C ASN D 18 21.54 20.50 47.14
N GLY D 19 21.64 19.18 47.02
CA GLY D 19 20.75 18.26 47.69
C GLY D 19 19.46 17.98 46.93
N LYS D 20 19.04 18.90 46.07
CA LYS D 20 17.81 18.76 45.29
C LYS D 20 18.15 18.20 43.92
N SER D 21 17.38 17.20 43.49
CA SER D 21 17.68 16.51 42.24
C SER D 21 17.55 17.45 41.04
N ASN D 22 18.43 17.26 40.07
CA ASN D 22 18.43 18.05 38.84
C ASN D 22 18.84 17.14 37.69
N PHE D 23 19.07 17.73 36.52
CA PHE D 23 19.48 16.98 35.34
C PHE D 23 20.64 17.67 34.64
N LEU D 24 21.58 16.87 34.16
CA LEU D 24 22.78 17.35 33.49
C LEU D 24 22.71 17.01 32.01
N ASN D 25 23.00 17.99 31.17
CA ASN D 25 22.93 17.82 29.71
C ASN D 25 24.28 18.12 29.09
N CYS D 26 24.69 17.28 28.14
CA CYS D 26 25.87 17.51 27.32
C CYS D 26 25.42 17.57 25.87
N TYR D 27 25.41 18.78 25.31
CA TYR D 27 24.84 19.02 23.99
C TYR D 27 25.95 19.02 22.94
N VAL D 28 25.75 18.23 21.89
CA VAL D 28 26.66 18.17 20.75
C VAL D 28 25.93 18.77 19.55
N SER D 29 26.56 19.76 18.92
CA SER D 29 25.91 20.51 17.84
C SER D 29 26.88 20.71 16.68
N GLY D 30 26.30 20.85 15.49
CA GLY D 30 27.07 21.22 14.30
C GLY D 30 28.20 20.28 13.97
N PHE D 31 28.00 18.98 14.12
CA PHE D 31 29.06 18.01 13.97
C PHE D 31 28.73 17.00 12.88
N HIS D 32 29.79 16.46 12.27
CA HIS D 32 29.72 15.49 11.20
C HIS D 32 31.09 14.84 11.10
N PRO D 33 31.19 13.53 10.89
CA PRO D 33 30.12 12.55 10.65
C PRO D 33 29.30 12.15 11.88
N SER D 34 28.56 11.05 11.76
CA SER D 34 27.55 10.69 12.74
C SER D 34 28.16 9.96 13.94
N ASP D 35 28.80 8.82 13.69
CA ASP D 35 29.23 7.92 14.76
C ASP D 35 30.14 8.61 15.77
N ILE D 36 29.65 8.75 17.00
CA ILE D 36 30.38 9.47 18.06
C ILE D 36 29.99 8.85 19.39
N GLU D 37 30.95 8.81 20.31
CA GLU D 37 30.73 8.28 21.65
C GLU D 37 30.82 9.40 22.67
N VAL D 38 29.82 9.49 23.54
CA VAL D 38 29.76 10.51 24.58
C VAL D 38 29.39 9.84 25.90
N ASP D 39 30.16 10.15 26.95
CA ASP D 39 29.91 9.65 28.29
C ASP D 39 30.03 10.78 29.29
N LEU D 40 29.32 10.66 30.41
CA LEU D 40 29.37 11.61 31.50
C LEU D 40 30.10 10.99 32.68
N LEU D 41 31.05 11.72 33.26
CA LEU D 41 31.92 11.22 34.31
C LEU D 41 31.65 11.96 35.62
N LYS D 42 31.72 11.23 36.73
CA LYS D 42 31.57 11.79 38.07
C LYS D 42 32.88 11.59 38.82
N ASN D 43 33.62 12.69 39.03
CA ASN D 43 34.89 12.65 39.74
C ASN D 43 35.87 11.69 39.09
N GLY D 44 35.77 11.51 37.78
CA GLY D 44 36.55 10.53 37.06
C GLY D 44 35.88 9.17 36.92
N GLU D 45 34.75 8.94 37.58
CA GLU D 45 34.01 7.69 37.46
C GLU D 45 32.95 7.81 36.38
N ARG D 46 32.93 6.85 35.47
CA ARG D 46 31.94 6.83 34.41
C ARG D 46 30.56 6.51 34.99
N ILE D 47 29.56 7.30 34.60
CA ILE D 47 28.19 7.09 35.05
C ILE D 47 27.51 6.10 34.11
N GLU D 48 26.94 5.04 34.68
CA GLU D 48 26.40 3.96 33.89
C GLU D 48 25.04 4.31 33.30
N LYS D 49 24.12 4.80 34.13
CA LYS D 49 22.76 5.08 33.69
C LYS D 49 22.75 6.40 32.93
N VAL D 50 22.80 6.30 31.60
CA VAL D 50 22.84 7.47 30.72
C VAL D 50 21.85 7.25 29.58
N GLU D 51 21.02 8.26 29.32
CA GLU D 51 20.10 8.25 28.19
C GLU D 51 20.49 9.37 27.22
N HIS D 52 20.16 9.17 25.94
CA HIS D 52 20.53 10.10 24.90
C HIS D 52 19.31 10.44 24.05
N SER D 53 19.37 11.61 23.43
CA SER D 53 18.32 12.07 22.53
C SER D 53 18.41 11.36 21.18
N ASP D 54 17.35 11.50 20.40
CA ASP D 54 17.32 10.91 19.06
C ASP D 54 18.15 11.73 18.09
N LEU D 55 18.67 11.06 17.08
CA LEU D 55 19.61 11.67 16.14
C LEU D 55 18.85 12.48 15.10
N SER D 56 19.11 13.79 15.07
CA SER D 56 18.58 14.68 14.05
C SER D 56 19.73 15.47 13.45
N PHE D 57 19.43 16.48 12.62
CA PHE D 57 20.47 17.33 12.09
C PHE D 57 19.90 18.71 11.80
N SER D 58 20.80 19.69 11.73
CA SER D 58 20.42 21.08 11.51
C SER D 58 20.21 21.33 10.02
N LYS D 59 20.09 22.60 9.63
CA LYS D 59 19.89 22.93 8.23
C LYS D 59 21.13 22.65 7.39
N ASP D 60 22.31 22.73 7.99
CA ASP D 60 23.57 22.48 7.29
C ASP D 60 23.96 21.01 7.31
N TRP D 61 23.01 20.11 7.55
CA TRP D 61 23.17 18.66 7.56
C TRP D 61 24.06 18.17 8.70
N SER D 62 24.54 19.06 9.56
CA SER D 62 25.32 18.65 10.71
C SER D 62 24.38 18.20 11.83
N PHE D 63 24.67 17.03 12.40
CA PHE D 63 23.78 16.43 13.38
C PHE D 63 23.80 17.24 14.68
N TYR D 64 22.86 16.88 15.57
CA TYR D 64 22.88 17.39 16.93
C TYR D 64 22.26 16.36 17.86
N LEU D 65 22.87 16.18 19.03
CA LEU D 65 22.42 15.20 20.01
C LEU D 65 22.34 15.84 21.38
N LEU D 66 21.66 15.16 22.30
CA LEU D 66 21.51 15.63 23.67
C LEU D 66 21.59 14.42 24.60
N TYR D 67 22.65 14.36 25.40
CA TYR D 67 22.83 13.32 26.41
C TYR D 67 22.45 13.90 27.77
N TYR D 68 21.52 13.24 28.46
CA TYR D 68 21.12 13.67 29.79
C TYR D 68 21.06 12.47 30.73
N THR D 69 21.13 12.78 32.03
CA THR D 69 21.04 11.77 33.08
C THR D 69 20.56 12.43 34.36
N GLU D 70 20.10 11.59 35.29
CA GLU D 70 19.63 12.06 36.58
C GLU D 70 20.79 12.12 37.57
N PHE D 71 20.86 13.20 38.34
CA PHE D 71 21.96 13.41 39.27
C PHE D 71 21.51 14.35 40.38
N THR D 72 22.38 14.53 41.36
CA THR D 72 22.16 15.48 42.45
C THR D 72 23.49 16.15 42.78
N PRO D 73 23.57 17.48 42.65
CA PRO D 73 24.86 18.15 42.81
C PRO D 73 25.31 18.26 44.26
N THR D 74 26.63 18.35 44.43
CA THR D 74 27.23 18.61 45.73
C THR D 74 28.23 19.75 45.61
N GLU D 75 29.02 19.98 46.65
CA GLU D 75 29.97 21.10 46.68
C GLU D 75 31.29 20.77 45.99
N LYS D 76 31.81 19.56 46.15
CA LYS D 76 33.14 19.21 45.65
C LYS D 76 33.15 18.33 44.42
N ASP D 77 32.07 17.60 44.14
CA ASP D 77 32.12 16.56 43.11
C ASP D 77 32.44 17.14 41.75
N GLU D 78 33.25 16.40 40.99
CA GLU D 78 33.66 16.78 39.64
C GLU D 78 32.78 16.06 38.63
N TYR D 79 32.06 16.83 37.82
CA TYR D 79 31.29 16.31 36.70
C TYR D 79 31.83 16.89 35.40
N ALA D 80 31.93 16.06 34.37
CA ALA D 80 32.45 16.49 33.09
C ALA D 80 31.91 15.57 32.01
N CYS D 81 31.93 16.08 30.77
CA CYS D 81 31.46 15.34 29.61
C CYS D 81 32.66 14.92 28.78
N ARG D 82 32.76 13.61 28.51
CA ARG D 82 33.85 13.06 27.72
C ARG D 82 33.35 12.74 26.32
N VAL D 83 34.08 13.21 25.31
CA VAL D 83 33.66 13.09 23.91
C VAL D 83 34.81 12.50 23.12
N ASN D 84 34.52 11.47 22.32
CA ASN D 84 35.47 10.89 21.39
C ASN D 84 34.86 10.90 20.00
N HIS D 85 35.62 11.40 19.02
CA HIS D 85 35.15 11.49 17.64
C HIS D 85 36.32 11.24 16.71
N VAL D 86 36.01 10.78 15.50
CA VAL D 86 37.05 10.59 14.49
C VAL D 86 37.70 11.92 14.13
N THR D 87 36.94 13.02 14.25
CA THR D 87 37.50 14.35 14.05
C THR D 87 38.42 14.77 15.19
N LEU D 88 38.45 14.02 16.29
CA LEU D 88 39.30 14.32 17.44
C LEU D 88 40.42 13.29 17.50
N SER D 89 41.66 13.76 17.47
CA SER D 89 42.80 12.87 17.63
C SER D 89 42.87 12.28 19.04
N GLN D 90 42.30 12.96 20.03
CA GLN D 90 42.27 12.48 21.40
C GLN D 90 40.90 12.80 21.99
N PRO D 91 40.43 12.02 22.96
CA PRO D 91 39.15 12.33 23.59
C PRO D 91 39.20 13.66 24.34
N LYS D 92 38.26 14.53 24.02
CA LYS D 92 38.18 15.86 24.62
C LYS D 92 37.17 15.86 25.75
N ILE D 93 37.51 16.57 26.84
CA ILE D 93 36.66 16.65 28.03
C ILE D 93 36.37 18.11 28.32
N VAL D 94 35.11 18.41 28.59
CA VAL D 94 34.67 19.74 28.99
C VAL D 94 34.22 19.68 30.44
N LYS D 95 34.88 20.46 31.29
CA LYS D 95 34.51 20.53 32.70
C LYS D 95 33.17 21.23 32.87
N TRP D 96 32.40 20.75 33.84
CA TRP D 96 31.13 21.39 34.18
C TRP D 96 31.39 22.57 35.12
N ASP D 97 31.00 23.76 34.69
CA ASP D 97 31.01 24.94 35.54
C ASP D 97 29.58 25.24 35.97
N ARG D 98 29.38 25.41 37.27
CA ARG D 98 28.03 25.55 37.81
C ARG D 98 27.34 26.80 37.28
N ASP D 99 28.06 27.93 37.25
CA ASP D 99 27.51 29.20 36.79
C ASP D 99 28.21 29.69 35.53
N MET D 100 28.49 28.77 34.61
CA MET D 100 29.16 29.12 33.36
C MET D 100 28.28 30.01 32.49
N ARG E 1 2.14 12.83 8.58
CA ARG E 1 2.39 11.41 8.43
C ARG E 1 3.61 11.19 7.54
N PHE E 2 4.34 10.10 7.80
CA PHE E 2 5.58 9.84 7.09
C PHE E 2 5.31 9.57 5.62
N PRO E 3 5.85 10.37 4.72
CA PRO E 3 5.51 10.27 3.29
C PRO E 3 6.28 9.15 2.61
N LEU E 4 6.17 9.09 1.31
CA LEU E 4 6.75 7.91 0.65
C LEU E 4 8.20 8.11 0.35
N THR E 5 8.77 7.13 -0.29
CA THR E 5 10.21 7.11 -0.50
C THR E 5 10.50 6.38 -1.81
N PHE E 6 11.37 6.97 -2.62
CA PHE E 6 11.74 6.41 -3.93
C PHE E 6 13.24 6.22 -3.99
N GLY E 7 13.65 5.12 -4.65
CA GLY E 7 15.07 4.85 -4.83
C GLY E 7 15.69 5.73 -5.90
N TRP E 8 17.01 5.63 -6.01
CA TRP E 8 17.74 6.43 -6.97
C TRP E 8 18.18 5.58 -8.16
#